data_5WY8
#
_entry.id   5WY8
#
_cell.length_a   110.416
_cell.length_b   110.416
_cell.length_c   210.536
_cell.angle_alpha   90.000
_cell.angle_beta   90.000
_cell.angle_gamma   120.000
#
_symmetry.space_group_name_H-M   'P 32 1 2'
#
loop_
_entity.id
_entity.type
_entity.pdbx_description
1 polymer 'Receptor-type tyrosine-protein phosphatase delta'
2 polymer 'Interleukin-1 receptor accessory protein-like 1'
3 branched alpha-L-fucopyranose-(1-3)-2-acetamido-2-deoxy-beta-D-glucopyranose
4 branched 2-acetamido-2-deoxy-beta-D-glucopyranose-(1-4)-2-acetamido-2-deoxy-beta-D-glucopyranose
5 branched alpha-D-mannopyranose-(1-3)-beta-D-mannopyranose-(1-4)-2-acetamido-2-deoxy-beta-D-glucopyranose-(1-4)-2-acetamido-2-deoxy-beta-D-glucopyranose
6 non-polymer 2-acetamido-2-deoxy-beta-D-glucopyranose
7 non-polymer 'ZINC ION'
8 water water
#
loop_
_entity_poly.entity_id
_entity_poly.type
_entity_poly.pdbx_seq_one_letter_code
_entity_poly.pdbx_strand_id
1 'polypeptide(L)'
;ETPPRFTRTPVDQTGVSGGVASFICQATGDPRPKIVWNKKGKKVSNQRFEVIEFDDGSGSVLRIQPLRTPRDEAIYECVA
SNNVGEISVSTRLTVLREDQIPRGFPTIDMGPQLKVVERTRTATMLCAASGNPDPEITWFKDFLPVDTSNNNGRIKQLRS
ESIGGTPIRGALQIEQSEESDQGKYECVATNSAGTRYSAPANLYVRELREVRRVPPRFSIPPTNHEIMPGGSVNITCVAV
GSPMPYVKWMLGAEDLTPEDDMPIGRNVLELNDVRQSANYTCVAMSTLGVIEAIAQIT
;
A
2 'polypeptide(L)'
;SADGCTDWSIDIKKYQVLVGEPVRIKCALFYGYIRTNYSLAQSAGLSLMWYKSSGPGDFEEPIAFDGSRMSKEEDSIWFR
PTLLQDSGLYACVIRNSTYCMKVSISLTVGENDTGLCYNSKMKYFEKAELSKSKEISCRDIEDFLLPTREPEILWYKECR
TKTWRPSIVFKRDTLLIREVREDDIGNYTCELKYGGFVVRRTTELTVTAPLTDKPPKLLYPMESKLTIQETQLGDSANLT
CRAFFGYSGDVSPLIYWMKGEKFIEDLDENRVWESDIRILKEHLGEQEVSISLIVDSVEEGDLGNYSCYVENGNGRRHAS
VLL
;
B
#
loop_
_chem_comp.id
_chem_comp.type
_chem_comp.name
_chem_comp.formula
BMA D-saccharide, beta linking beta-D-mannopyranose 'C6 H12 O6'
FUC L-saccharide, alpha linking alpha-L-fucopyranose 'C6 H12 O5'
MAN D-saccharide, alpha linking alpha-D-mannopyranose 'C6 H12 O6'
NAG D-saccharide, beta linking 2-acetamido-2-deoxy-beta-D-glucopyranose 'C8 H15 N O6'
ZN non-polymer 'ZINC ION' 'Zn 2'
#
# COMPACT_ATOMS: atom_id res chain seq x y z
N GLU A 1 -18.25 35.15 27.86
CA GLU A 1 -18.93 34.36 26.86
C GLU A 1 -18.64 34.87 25.46
N THR A 2 -18.45 33.95 24.52
CA THR A 2 -18.07 34.27 23.15
C THR A 2 -18.92 33.49 22.17
N PRO A 3 -19.10 34.02 20.95
CA PRO A 3 -19.80 33.25 19.90
C PRO A 3 -18.89 32.18 19.32
N PRO A 4 -19.44 31.23 18.56
CA PRO A 4 -18.60 30.19 17.97
C PRO A 4 -17.67 30.76 16.91
N ARG A 5 -16.43 30.27 16.90
CA ARG A 5 -15.45 30.65 15.91
C ARG A 5 -14.88 29.40 15.28
N PHE A 6 -15.00 29.30 13.96
CA PHE A 6 -14.50 28.13 13.24
C PHE A 6 -12.97 28.09 13.30
N THR A 7 -12.42 27.01 13.86
CA THR A 7 -10.99 26.76 13.80
C THR A 7 -10.60 25.80 12.69
N ARG A 8 -11.52 24.93 12.27
CA ARG A 8 -11.28 24.04 11.14
C ARG A 8 -12.56 23.94 10.32
N THR A 9 -12.44 24.18 9.03
CA THR A 9 -13.57 24.22 8.11
C THR A 9 -13.53 23.03 7.16
N PRO A 10 -14.65 22.33 6.96
CA PRO A 10 -14.65 21.22 6.00
C PRO A 10 -14.40 21.72 4.58
N VAL A 11 -13.88 20.82 3.75
CA VAL A 11 -13.54 21.14 2.36
C VAL A 11 -14.29 20.18 1.44
N ASP A 12 -14.75 20.69 0.31
CA ASP A 12 -15.41 19.87 -0.69
C ASP A 12 -14.52 18.70 -1.10
N GLN A 13 -15.13 17.58 -1.47
CA GLN A 13 -14.30 16.46 -1.90
C GLN A 13 -15.09 15.49 -2.76
N THR A 14 -14.34 14.60 -3.41
CA THR A 14 -14.87 13.60 -4.33
C THR A 14 -14.36 12.23 -3.87
N GLY A 15 -15.29 11.34 -3.53
CA GLY A 15 -14.96 9.99 -3.15
C GLY A 15 -15.39 8.99 -4.21
N VAL A 16 -15.40 7.72 -3.81
CA VAL A 16 -15.78 6.62 -4.69
C VAL A 16 -16.76 5.73 -3.96
N SER A 17 -17.67 5.12 -4.72
CA SER A 17 -18.65 4.20 -4.14
C SER A 17 -17.95 3.09 -3.42
N GLY A 18 -18.47 2.73 -2.24
CA GLY A 18 -17.81 1.77 -1.39
C GLY A 18 -16.71 2.36 -0.53
N GLY A 19 -16.08 3.46 -0.95
CA GLY A 19 -15.17 4.19 -0.11
C GLY A 19 -15.82 4.73 1.16
N VAL A 20 -15.15 5.73 1.74
CA VAL A 20 -15.71 6.50 2.85
C VAL A 20 -15.48 7.98 2.60
N ALA A 21 -16.24 8.82 3.31
CA ALA A 21 -16.08 10.28 3.23
C ALA A 21 -16.08 10.88 4.63
N SER A 22 -15.05 11.66 4.94
CA SER A 22 -14.92 12.28 6.26
C SER A 22 -14.88 13.79 6.11
N PHE A 23 -15.76 14.48 6.85
CA PHE A 23 -15.77 15.93 6.95
C PHE A 23 -15.43 16.34 8.37
N ILE A 24 -14.50 17.28 8.51
CA ILE A 24 -14.05 17.75 9.82
C ILE A 24 -14.56 19.17 10.03
N CYS A 25 -15.04 19.46 11.24
CA CYS A 25 -15.53 20.79 11.55
C CYS A 25 -15.25 21.09 13.02
N GLN A 26 -14.31 22.00 13.27
CA GLN A 26 -13.93 22.37 14.62
C GLN A 26 -14.30 23.83 14.89
N ALA A 27 -14.78 24.11 16.09
CA ALA A 27 -15.17 25.46 16.49
C ALA A 27 -14.88 25.64 17.97
N THR A 28 -14.47 26.85 18.33
CA THR A 28 -14.15 27.19 19.70
C THR A 28 -15.07 28.29 20.21
N GLY A 29 -15.33 28.29 21.50
CA GLY A 29 -16.19 29.28 22.12
C GLY A 29 -16.50 28.97 23.56
N ASP A 30 -16.95 29.98 24.30
CA ASP A 30 -17.33 29.80 25.70
C ASP A 30 -18.79 30.22 25.87
N PRO A 31 -19.67 29.25 26.17
CA PRO A 31 -19.40 27.83 26.39
C PRO A 31 -19.07 27.07 25.09
N ARG A 32 -18.61 25.83 25.23
CA ARG A 32 -18.20 25.05 24.07
C ARG A 32 -19.38 24.88 23.11
N PRO A 33 -19.21 25.17 21.83
CA PRO A 33 -20.32 25.02 20.89
C PRO A 33 -20.64 23.57 20.59
N LYS A 34 -21.84 23.34 20.09
CA LYS A 34 -22.30 22.03 19.67
C LYS A 34 -22.41 22.00 18.16
N ILE A 35 -21.86 20.97 17.53
CA ILE A 35 -21.80 20.87 16.08
C ILE A 35 -22.92 19.97 15.58
N VAL A 36 -23.58 20.38 14.50
CA VAL A 36 -24.66 19.62 13.89
C VAL A 36 -24.43 19.57 12.38
N TRP A 37 -24.67 18.39 11.80
CA TRP A 37 -24.46 18.17 10.37
C TRP A 37 -25.82 18.02 9.68
N ASN A 38 -25.99 18.74 8.58
CA ASN A 38 -27.24 18.72 7.81
C ASN A 38 -26.94 18.26 6.39
N LYS A 39 -27.76 17.34 5.88
CA LYS A 39 -27.64 16.83 4.52
C LYS A 39 -28.86 17.29 3.73
N LYS A 40 -28.62 18.07 2.67
CA LYS A 40 -29.69 18.68 1.88
C LYS A 40 -30.62 19.50 2.78
N GLY A 41 -30.04 20.22 3.73
CA GLY A 41 -30.79 20.97 4.72
C GLY A 41 -31.40 20.14 5.84
N LYS A 42 -31.17 18.82 5.86
CA LYS A 42 -31.78 17.92 6.82
C LYS A 42 -30.72 17.38 7.77
N LYS A 43 -30.98 17.51 9.07
CA LYS A 43 -30.09 16.93 10.07
C LYS A 43 -29.93 15.44 9.83
N VAL A 44 -28.68 14.97 9.85
CA VAL A 44 -28.38 13.60 9.45
C VAL A 44 -28.75 12.64 10.58
N SER A 45 -29.36 11.51 10.18
CA SER A 45 -29.70 10.43 11.10
C SER A 45 -29.75 9.16 10.27
N ASN A 46 -28.72 8.32 10.38
CA ASN A 46 -28.58 7.18 9.50
C ASN A 46 -27.58 6.20 10.11
N GLN A 47 -27.76 4.91 9.77
CA GLN A 47 -26.79 3.90 10.17
C GLN A 47 -25.46 4.13 9.49
N ARG A 48 -25.48 4.61 8.24
CA ARG A 48 -24.28 4.80 7.46
C ARG A 48 -23.50 6.05 7.87
N PHE A 49 -24.13 6.98 8.57
CA PHE A 49 -23.49 8.22 9.02
C PHE A 49 -23.14 8.09 10.50
N GLU A 50 -21.87 8.33 10.82
CA GLU A 50 -21.40 8.31 12.19
C GLU A 50 -20.74 9.64 12.51
N VAL A 51 -21.19 10.29 13.57
CA VAL A 51 -20.65 11.58 14.01
C VAL A 51 -19.76 11.32 15.22
N ILE A 52 -18.46 11.51 15.05
CA ILE A 52 -17.48 11.22 16.08
C ILE A 52 -16.86 12.54 16.55
N GLU A 53 -16.98 12.82 17.84
CA GLU A 53 -16.48 14.07 18.40
C GLU A 53 -15.07 13.89 18.94
N PHE A 54 -14.28 14.96 18.82
CA PHE A 54 -12.93 14.94 19.36
C PHE A 54 -12.97 14.89 20.88
N ASP A 55 -11.91 14.32 21.47
CA ASP A 55 -11.74 14.41 22.92
C ASP A 55 -11.43 15.83 23.38
N ASP A 56 -11.09 16.73 22.46
CA ASP A 56 -11.01 18.15 22.80
C ASP A 56 -12.34 18.69 23.29
N GLY A 57 -13.45 18.08 22.84
CA GLY A 57 -14.77 18.61 23.06
C GLY A 57 -15.18 19.64 22.03
N SER A 58 -14.23 20.34 21.42
CA SER A 58 -14.48 21.34 20.40
C SER A 58 -14.22 20.73 19.03
N GLY A 59 -15.28 20.48 18.28
CA GLY A 59 -15.18 19.95 16.94
C GLY A 59 -15.75 18.54 16.83
N SER A 60 -16.06 18.16 15.59
CA SER A 60 -16.59 16.83 15.32
C SER A 60 -16.27 16.46 13.87
N VAL A 61 -16.41 15.17 13.58
CA VAL A 61 -16.16 14.60 12.27
C VAL A 61 -17.39 13.81 11.84
N LEU A 62 -17.88 14.08 10.64
CA LEU A 62 -18.96 13.33 10.02
C LEU A 62 -18.35 12.29 9.09
N ARG A 63 -18.67 11.02 9.34
CA ARG A 63 -18.13 9.90 8.57
C ARG A 63 -19.27 9.19 7.86
N ILE A 64 -19.21 9.20 6.53
CA ILE A 64 -20.06 8.38 5.68
C ILE A 64 -19.26 7.12 5.38
N GLN A 65 -19.62 6.03 6.03
CA GLN A 65 -18.85 4.79 5.99
C GLN A 65 -19.03 4.07 4.66
N PRO A 66 -20.29 3.87 4.12
CA PRO A 66 -20.39 3.46 2.72
C PRO A 66 -20.92 4.60 1.81
N LEU A 67 -20.33 4.86 0.63
CA LEU A 67 -20.87 5.84 -0.34
C LEU A 67 -21.64 5.20 -1.50
N ARG A 68 -22.85 5.70 -1.67
CA ARG A 68 -23.79 5.21 -2.66
C ARG A 68 -23.89 6.05 -3.94
N THR A 69 -23.32 7.25 -4.00
CA THR A 69 -23.24 8.16 -5.17
C THR A 69 -24.55 8.92 -5.46
N PRO A 70 -25.63 8.44 -6.16
CA PRO A 70 -26.83 9.31 -6.20
C PRO A 70 -27.34 9.74 -4.85
N ARG A 71 -27.50 8.78 -3.97
CA ARG A 71 -27.79 9.02 -2.57
C ARG A 71 -26.52 9.55 -1.94
N ASP A 72 -26.63 10.63 -1.17
CA ASP A 72 -25.52 11.26 -0.45
C ASP A 72 -24.58 12.04 -1.38
N GLU A 73 -24.91 12.20 -2.66
CA GLU A 73 -24.18 13.15 -3.52
C GLU A 73 -24.87 14.47 -3.31
N ALA A 74 -24.31 15.32 -2.49
CA ALA A 74 -25.13 16.43 -2.06
C ALA A 74 -24.25 17.49 -1.41
N ILE A 75 -24.90 18.48 -0.82
CA ILE A 75 -24.25 19.57 -0.12
C ILE A 75 -24.57 19.43 1.36
N TYR A 76 -23.53 19.48 2.20
CA TYR A 76 -23.64 19.24 3.61
C TYR A 76 -23.27 20.51 4.38
N GLU A 77 -23.86 20.66 5.56
CA GLU A 77 -23.73 21.87 6.36
C GLU A 77 -23.25 21.52 7.76
N CYS A 78 -22.20 22.20 8.22
CA CYS A 78 -21.76 22.13 9.61
C CYS A 78 -22.24 23.39 10.31
N VAL A 79 -22.99 23.22 11.40
CA VAL A 79 -23.56 24.33 12.15
C VAL A 79 -23.03 24.24 13.57
N ALA A 80 -22.20 25.21 13.95
CA ALA A 80 -21.73 25.37 15.32
C ALA A 80 -22.70 26.28 16.06
N SER A 81 -23.30 25.76 17.13
CA SER A 81 -24.32 26.44 17.91
C SER A 81 -23.77 26.73 19.30
N ASN A 82 -23.78 27.99 19.69
CA ASN A 82 -23.38 28.41 21.01
C ASN A 82 -24.60 28.72 21.86
N ASN A 83 -24.34 29.00 23.13
CA ASN A 83 -25.36 29.62 23.97
C ASN A 83 -25.69 31.02 23.48
N VAL A 84 -24.78 31.67 22.76
CA VAL A 84 -24.90 33.07 22.40
C VAL A 84 -24.97 33.31 20.90
N GLY A 85 -24.72 32.31 20.06
CA GLY A 85 -24.78 32.54 18.62
C GLY A 85 -24.62 31.26 17.84
N GLU A 86 -25.02 31.32 16.58
CA GLU A 86 -24.91 30.21 15.64
C GLU A 86 -24.15 30.64 14.41
N ILE A 87 -23.21 29.81 13.99
CA ILE A 87 -22.44 30.04 12.76
C ILE A 87 -22.47 28.75 11.94
N SER A 88 -22.46 28.89 10.63
CA SER A 88 -22.63 27.73 9.75
C SER A 88 -21.68 27.83 8.56
N VAL A 89 -21.37 26.66 8.00
CA VAL A 89 -20.52 26.53 6.82
C VAL A 89 -21.00 25.34 6.01
N SER A 90 -20.64 25.31 4.73
CA SER A 90 -21.20 24.34 3.80
C SER A 90 -20.10 23.77 2.92
N THR A 91 -20.31 22.53 2.44
CA THR A 91 -19.37 21.84 1.59
C THR A 91 -20.12 20.95 0.61
N ARG A 92 -19.40 20.52 -0.43
CA ARG A 92 -19.97 19.66 -1.47
C ARG A 92 -19.29 18.30 -1.44
N LEU A 93 -20.10 17.25 -1.45
CA LEU A 93 -19.63 15.87 -1.44
C LEU A 93 -20.10 15.20 -2.74
N THR A 94 -19.13 14.84 -3.58
CA THR A 94 -19.37 14.20 -4.88
C THR A 94 -18.94 12.75 -4.77
N VAL A 95 -19.84 11.82 -4.94
CA VAL A 95 -19.41 10.44 -4.83
C VAL A 95 -19.33 9.98 -6.27
N LEU A 96 -18.12 9.76 -6.76
CA LEU A 96 -17.89 9.57 -8.19
C LEU A 96 -18.36 8.19 -8.65
N ARG A 97 -18.72 8.12 -9.92
CA ARG A 97 -19.24 6.90 -10.50
C ARG A 97 -18.13 5.87 -10.54
N GLU A 98 -18.29 4.77 -9.81
CA GLU A 98 -17.24 3.76 -9.71
C GLU A 98 -16.83 3.21 -11.06
N ASP A 99 -17.66 3.40 -12.10
CA ASP A 99 -17.28 2.99 -13.45
C ASP A 99 -16.31 3.98 -14.08
N GLN A 100 -16.61 5.27 -13.99
CA GLN A 100 -15.79 6.32 -14.60
C GLN A 100 -14.98 7.02 -13.52
N ILE A 101 -13.65 6.93 -13.64
CA ILE A 101 -12.75 7.64 -12.73
C ILE A 101 -11.68 8.31 -13.58
N PRO A 102 -11.28 9.55 -13.27
CA PRO A 102 -10.18 10.17 -14.03
C PRO A 102 -8.91 9.34 -13.98
N ARG A 103 -8.06 9.56 -14.99
CA ARG A 103 -6.83 8.76 -15.10
C ARG A 103 -5.95 8.92 -13.87
N GLY A 104 -5.86 10.14 -13.34
CA GLY A 104 -4.95 10.40 -12.25
C GLY A 104 -5.58 10.45 -10.87
N PHE A 105 -6.68 9.73 -10.71
CA PHE A 105 -7.31 9.62 -9.40
C PHE A 105 -6.34 8.94 -8.42
N PRO A 106 -6.30 9.38 -7.17
CA PRO A 106 -5.39 8.75 -6.20
C PRO A 106 -5.83 7.32 -5.93
N THR A 107 -4.87 6.40 -6.00
CA THR A 107 -5.12 5.00 -5.72
C THR A 107 -4.12 4.52 -4.66
N ILE A 108 -4.57 3.59 -3.83
CA ILE A 108 -3.74 3.03 -2.78
C ILE A 108 -2.95 1.88 -3.40
N ASP A 109 -1.67 2.12 -3.70
CA ASP A 109 -0.81 1.04 -4.19
C ASP A 109 -0.60 -0.01 -3.11
N MET A 110 -0.43 0.41 -1.87
CA MET A 110 -0.29 -0.51 -0.75
C MET A 110 -0.75 0.22 0.51
N GLY A 111 -1.70 -0.38 1.22
CA GLY A 111 -2.22 0.23 2.42
C GLY A 111 -1.38 -0.13 3.62
N PRO A 112 -1.86 0.22 4.81
CA PRO A 112 -1.19 -0.22 6.04
C PRO A 112 -1.68 -1.60 6.47
N GLN A 113 -0.74 -2.40 6.95
CA GLN A 113 -1.05 -3.75 7.40
C GLN A 113 -1.07 -3.79 8.93
N LEU A 114 -1.89 -4.70 9.46
CA LEU A 114 -2.07 -4.81 10.91
C LEU A 114 -0.72 -5.03 11.59
N LYS A 115 -0.54 -4.42 12.75
CA LYS A 115 0.74 -4.53 13.43
C LYS A 115 0.53 -4.77 14.91
N VAL A 116 1.44 -5.53 15.50
CA VAL A 116 1.49 -5.75 16.94
C VAL A 116 2.86 -5.31 17.43
N VAL A 117 2.89 -4.51 18.48
CA VAL A 117 4.14 -3.91 18.94
C VAL A 117 4.24 -4.01 20.45
N GLU A 118 5.48 -4.15 20.91
CA GLU A 118 5.79 -4.08 22.32
C GLU A 118 5.46 -2.71 22.92
N ARG A 119 5.25 -2.69 24.23
CA ARG A 119 5.05 -1.42 24.91
C ARG A 119 6.32 -0.58 24.85
N THR A 120 6.15 0.74 24.77
CA THR A 120 7.23 1.72 24.77
C THR A 120 8.19 1.57 23.59
N ARG A 121 7.78 0.89 22.53
CA ARG A 121 8.61 0.73 21.35
C ARG A 121 7.90 1.31 20.13
N THR A 122 8.71 1.87 19.22
CA THR A 122 8.18 2.60 18.08
C THR A 122 7.46 1.66 17.12
N ALA A 123 6.21 1.99 16.81
CA ALA A 123 5.41 1.24 15.84
C ALA A 123 5.16 2.14 14.63
N THR A 124 5.48 1.63 13.45
CA THR A 124 5.40 2.41 12.23
C THR A 124 4.45 1.76 11.23
N MET A 125 3.53 2.55 10.68
CA MET A 125 2.61 2.11 9.64
C MET A 125 3.01 2.76 8.33
N LEU A 126 2.91 2.01 7.23
CA LEU A 126 3.35 2.49 5.92
C LEU A 126 2.15 2.61 4.98
N CYS A 127 2.24 3.54 4.04
CA CYS A 127 1.24 3.72 3.01
C CYS A 127 1.91 4.15 1.72
N ALA A 128 1.47 3.58 0.60
CA ALA A 128 2.02 3.89 -0.71
C ALA A 128 0.87 4.18 -1.66
N ALA A 129 0.84 5.39 -2.21
CA ALA A 129 -0.24 5.81 -3.09
C ALA A 129 0.34 6.58 -4.27
N SER A 130 -0.46 6.69 -5.33
CA SER A 130 0.00 7.36 -6.54
C SER A 130 -1.18 7.98 -7.26
N GLY A 131 -0.87 9.02 -8.05
CA GLY A 131 -1.85 9.68 -8.89
C GLY A 131 -1.14 10.63 -9.83
N ASN A 132 -1.88 11.08 -10.85
CA ASN A 132 -1.28 11.98 -11.84
C ASN A 132 -0.80 13.27 -11.20
N PRO A 133 -1.59 13.96 -10.35
CA PRO A 133 -0.97 14.89 -9.40
C PRO A 133 -0.57 14.12 -8.16
N ASP A 134 0.73 14.10 -7.84
CA ASP A 134 1.24 13.24 -6.77
C ASP A 134 0.53 13.56 -5.46
N PRO A 135 -0.15 12.58 -4.83
CA PRO A 135 -1.07 12.88 -3.72
C PRO A 135 -0.40 13.35 -2.44
N GLU A 136 -1.23 13.60 -1.43
CA GLU A 136 -0.77 13.89 -0.07
C GLU A 136 -1.38 12.86 0.88
N ILE A 137 -0.56 12.37 1.79
CA ILE A 137 -0.96 11.28 2.68
C ILE A 137 -1.33 11.85 4.04
N THR A 138 -2.54 11.55 4.50
CA THR A 138 -2.99 11.88 5.84
C THR A 138 -3.44 10.60 6.53
N TRP A 139 -3.59 10.67 7.86
CA TRP A 139 -3.90 9.48 8.64
C TRP A 139 -5.11 9.72 9.53
N PHE A 140 -5.99 8.73 9.58
CA PHE A 140 -7.16 8.73 10.47
C PHE A 140 -7.01 7.57 11.45
N LYS A 141 -7.18 7.84 12.74
CA LYS A 141 -7.07 6.84 13.79
C LYS A 141 -8.40 6.78 14.55
N ASP A 142 -9.04 5.61 14.53
CA ASP A 142 -10.32 5.39 15.19
C ASP A 142 -11.34 6.45 14.78
N PHE A 143 -11.51 6.58 13.46
CA PHE A 143 -12.46 7.46 12.79
C PHE A 143 -12.10 8.94 12.91
N LEU A 144 -11.07 9.31 13.67
CA LEU A 144 -10.68 10.70 13.82
C LEU A 144 -9.33 10.95 13.17
N PRO A 145 -9.13 12.14 12.58
CA PRO A 145 -7.85 12.42 11.92
C PRO A 145 -6.72 12.59 12.94
N VAL A 146 -5.56 12.07 12.58
CA VAL A 146 -4.38 12.19 13.42
C VAL A 146 -3.72 13.52 13.13
N ASP A 147 -3.53 14.35 14.16
CA ASP A 147 -2.95 15.67 14.00
C ASP A 147 -1.51 15.66 14.51
N THR A 148 -0.58 16.00 13.63
CA THR A 148 0.80 16.32 13.99
C THR A 148 1.07 17.69 13.35
N SER A 149 0.66 18.76 14.04
CA SER A 149 0.83 20.10 13.51
C SER A 149 2.27 20.33 13.07
N ASN A 150 3.21 20.10 13.97
CA ASN A 150 4.61 19.95 13.64
C ASN A 150 5.11 18.72 14.38
N ASN A 151 6.37 18.35 14.16
CA ASN A 151 6.92 17.13 14.77
C ASN A 151 7.39 17.41 16.20
N ASN A 152 6.44 17.84 17.03
CA ASN A 152 6.72 18.18 18.42
C ASN A 152 6.84 16.94 19.29
N GLY A 153 6.01 15.93 19.02
CA GLY A 153 5.93 14.79 19.89
C GLY A 153 6.30 13.47 19.25
N ARG A 154 5.81 12.39 19.84
CA ARG A 154 6.22 11.04 19.47
C ARG A 154 5.61 10.57 18.16
N ILE A 155 4.38 11.01 17.85
CA ILE A 155 3.67 10.54 16.67
C ILE A 155 4.11 11.42 15.51
N LYS A 156 5.22 11.06 14.87
CA LYS A 156 5.71 11.83 13.74
C LYS A 156 5.22 11.24 12.43
N GLN A 157 5.17 12.09 11.41
CA GLN A 157 4.83 11.70 10.05
C GLN A 157 6.09 11.69 9.20
N LEU A 158 6.25 10.64 8.39
CA LEU A 158 7.40 10.46 7.53
C LEU A 158 6.95 10.57 6.08
N ARG A 159 7.67 11.36 5.30
CA ARG A 159 7.33 11.63 3.91
C ARG A 159 8.45 11.15 3.01
N SER A 160 8.10 10.34 2.00
CA SER A 160 9.05 9.98 0.96
C SER A 160 9.46 11.23 0.18
N GLU A 161 10.66 11.19 -0.40
CA GLU A 161 11.21 12.37 -1.07
C GLU A 161 11.59 12.03 -2.52
N SER A 162 10.72 11.28 -3.19
CA SER A 162 11.02 10.77 -4.53
C SER A 162 11.26 11.91 -5.51
N ILE A 163 11.96 11.58 -6.61
CA ILE A 163 12.22 12.53 -7.69
C ILE A 163 11.21 12.44 -8.81
N GLY A 164 10.27 11.49 -8.74
CA GLY A 164 9.24 11.36 -9.75
C GLY A 164 9.18 9.98 -10.38
N GLY A 165 8.02 9.63 -10.94
CA GLY A 165 7.84 8.34 -11.58
C GLY A 165 7.73 7.16 -10.64
N THR A 166 7.59 7.40 -9.34
CA THR A 166 7.50 6.36 -8.33
C THR A 166 6.28 6.63 -7.44
N PRO A 167 5.72 5.59 -6.83
CA PRO A 167 4.68 5.81 -5.83
C PRO A 167 5.22 6.62 -4.67
N ILE A 168 4.34 7.37 -4.02
CA ILE A 168 4.70 8.15 -2.86
C ILE A 168 4.42 7.32 -1.61
N ARG A 169 5.31 7.44 -0.63
CA ARG A 169 5.22 6.67 0.61
C ARG A 169 5.10 7.64 1.77
N GLY A 170 4.03 7.48 2.54
CA GLY A 170 3.87 8.21 3.79
C GLY A 170 3.75 7.21 4.92
N ALA A 171 4.44 7.51 6.03
CA ALA A 171 4.48 6.61 7.18
C ALA A 171 4.04 7.34 8.43
N LEU A 172 3.31 6.64 9.29
CA LEU A 172 2.92 7.13 10.60
C LEU A 172 3.76 6.40 11.64
N GLN A 173 4.71 7.11 12.25
CA GLN A 173 5.63 6.52 13.20
C GLN A 173 5.28 6.97 14.61
N ILE A 174 5.12 6.00 15.51
CA ILE A 174 4.72 6.24 16.88
C ILE A 174 5.90 5.85 17.77
N GLU A 175 6.62 6.86 18.26
CA GLU A 175 7.70 6.66 19.22
C GLU A 175 7.13 6.53 20.62
N GLN A 176 7.87 5.83 21.48
CA GLN A 176 7.51 5.68 22.90
C GLN A 176 6.04 5.29 23.06
N SER A 177 5.68 4.16 22.46
CA SER A 177 4.28 3.79 22.31
C SER A 177 3.58 3.61 23.64
N GLU A 178 2.63 4.50 23.94
CA GLU A 178 1.72 4.34 25.06
C GLU A 178 0.79 3.17 24.82
N GLU A 179 0.04 2.80 25.86
CA GLU A 179 -0.95 1.74 25.71
C GLU A 179 -2.13 2.17 24.87
N SER A 180 -2.38 3.47 24.76
CA SER A 180 -3.62 4.00 24.21
C SER A 180 -3.57 4.24 22.70
N ASP A 181 -2.59 3.67 22.00
CA ASP A 181 -2.48 3.88 20.56
C ASP A 181 -3.19 2.83 19.73
N GLN A 182 -3.64 1.74 20.33
CA GLN A 182 -4.18 0.65 19.55
C GLN A 182 -5.53 1.04 18.94
N GLY A 183 -5.87 0.41 17.82
CA GLY A 183 -7.14 0.62 17.19
C GLY A 183 -7.01 0.65 15.68
N LYS A 184 -8.08 1.12 15.03
CA LYS A 184 -8.13 1.19 13.58
C LYS A 184 -7.28 2.33 13.05
N TYR A 185 -6.54 2.06 11.98
CA TYR A 185 -5.67 3.05 11.34
C TYR A 185 -5.94 3.04 9.85
N GLU A 186 -6.21 4.22 9.29
CA GLU A 186 -6.53 4.36 7.88
C GLU A 186 -5.64 5.41 7.26
N CYS A 187 -5.09 5.10 6.10
CA CYS A 187 -4.30 6.04 5.32
C CYS A 187 -5.20 6.63 4.23
N VAL A 188 -5.16 7.95 4.09
CA VAL A 188 -5.99 8.65 3.11
C VAL A 188 -5.05 9.34 2.13
N ALA A 189 -5.27 9.07 0.84
CA ALA A 189 -4.55 9.74 -0.23
C ALA A 189 -5.46 10.83 -0.81
N THR A 190 -5.07 12.08 -0.61
CA THR A 190 -5.84 13.22 -1.08
C THR A 190 -5.20 13.79 -2.35
N ASN A 191 -6.05 14.17 -3.29
CA ASN A 191 -5.63 14.64 -4.60
C ASN A 191 -6.64 15.69 -5.08
N SER A 192 -6.21 16.51 -6.04
CA SER A 192 -7.11 17.52 -6.57
C SER A 192 -8.29 16.89 -7.30
N ALA A 193 -8.08 15.74 -7.93
CA ALA A 193 -9.17 15.05 -8.63
C ALA A 193 -10.11 14.36 -7.65
N GLY A 194 -9.58 13.83 -6.56
CA GLY A 194 -10.42 13.15 -5.58
C GLY A 194 -9.59 12.66 -4.42
N THR A 195 -10.24 11.94 -3.52
CA THR A 195 -9.59 11.36 -2.35
C THR A 195 -9.97 9.89 -2.24
N ARG A 196 -9.00 9.05 -1.85
CA ARG A 196 -9.25 7.63 -1.69
C ARG A 196 -8.72 7.16 -0.34
N TYR A 197 -9.38 6.15 0.22
CA TYR A 197 -9.06 5.60 1.53
C TYR A 197 -8.43 4.22 1.39
N SER A 198 -7.45 3.95 2.24
CA SER A 198 -6.88 2.62 2.33
C SER A 198 -7.76 1.74 3.22
N ALA A 199 -7.57 0.44 3.11
CA ALA A 199 -8.26 -0.47 4.00
C ALA A 199 -7.74 -0.29 5.43
N PRO A 200 -8.60 -0.42 6.44
CA PRO A 200 -8.17 -0.20 7.81
C PRO A 200 -7.17 -1.26 8.27
N ALA A 201 -6.38 -0.88 9.26
CA ALA A 201 -5.34 -1.76 9.80
C ALA A 201 -5.29 -1.54 11.30
N ASN A 202 -5.49 -2.61 12.06
CA ASN A 202 -5.48 -2.50 13.50
C ASN A 202 -4.05 -2.54 14.05
N LEU A 203 -3.77 -1.61 14.95
CA LEU A 203 -2.56 -1.63 15.76
C LEU A 203 -2.92 -2.23 17.10
N TYR A 204 -2.14 -3.22 17.53
CA TYR A 204 -2.30 -3.89 18.81
C TYR A 204 -1.01 -3.69 19.60
N VAL A 205 -1.11 -3.16 20.80
CA VAL A 205 0.04 -2.94 21.67
C VAL A 205 0.03 -4.04 22.72
N ARG A 206 1.15 -4.76 22.87
CA ARG A 206 1.14 -5.82 23.87
C ARG A 206 2.30 -5.79 24.84
N GLU A 207 2.54 -6.95 25.44
CA GLU A 207 3.42 -7.08 26.61
C GLU A 207 4.84 -6.61 26.32
N LEU A 208 5.47 -6.06 27.37
CA LEU A 208 6.87 -5.67 27.28
C LEU A 208 7.69 -6.95 27.19
N ARG A 209 8.76 -6.93 26.42
CA ARG A 209 9.54 -8.14 26.26
C ARG A 209 10.99 -7.86 26.59
N GLU A 210 11.77 -8.94 26.60
CA GLU A 210 13.16 -8.92 27.03
C GLU A 210 14.02 -8.21 25.99
N VAL A 211 15.14 -7.67 26.43
CA VAL A 211 16.02 -6.88 25.57
C VAL A 211 16.84 -7.82 24.69
N ARG A 212 16.29 -8.18 23.52
CA ARG A 212 17.04 -9.05 22.61
C ARG A 212 18.23 -8.37 21.99
N ARG A 213 18.10 -7.10 21.63
CA ARG A 213 19.14 -6.39 20.90
C ARG A 213 19.98 -5.54 21.84
N VAL A 214 21.30 -5.63 21.70
CA VAL A 214 22.24 -4.83 22.47
C VAL A 214 23.12 -4.03 21.51
N PRO A 215 23.33 -2.75 21.77
CA PRO A 215 24.15 -1.92 20.85
C PRO A 215 25.59 -2.40 20.82
N PRO A 216 26.34 -2.05 19.77
CA PRO A 216 27.71 -2.58 19.62
C PRO A 216 28.66 -2.00 20.64
N ARG A 217 29.56 -2.84 21.13
CA ARG A 217 30.61 -2.44 22.05
C ARG A 217 31.90 -3.13 21.63
N PHE A 218 33.02 -2.53 22.01
CA PHE A 218 34.33 -3.08 21.65
C PHE A 218 34.71 -4.19 22.62
N SER A 219 34.88 -5.40 22.09
CA SER A 219 35.36 -6.52 22.89
C SER A 219 36.88 -6.49 23.01
N ILE A 220 37.57 -6.33 21.89
CA ILE A 220 39.00 -6.07 21.85
C ILE A 220 39.23 -4.74 21.14
N PRO A 221 39.35 -3.65 21.89
CA PRO A 221 39.67 -2.35 21.27
C PRO A 221 41.06 -2.37 20.68
N PRO A 222 41.35 -1.51 19.71
CA PRO A 222 42.68 -1.52 19.08
C PRO A 222 43.74 -1.01 20.03
N THR A 223 44.85 -1.73 20.12
CA THR A 223 45.94 -1.40 21.03
C THR A 223 46.99 -0.55 20.33
N ASN A 224 47.53 0.41 21.07
CA ASN A 224 48.61 1.25 20.54
C ASN A 224 49.89 0.44 20.46
N HIS A 225 50.57 0.51 19.32
CA HIS A 225 51.86 -0.15 19.14
C HIS A 225 52.86 0.87 18.60
N GLU A 226 54.13 0.67 18.93
CA GLU A 226 55.16 1.69 18.76
C GLU A 226 56.32 1.20 17.90
N ILE A 227 56.06 0.29 16.96
CA ILE A 227 57.15 -0.25 16.16
C ILE A 227 57.74 0.87 15.29
N MET A 228 59.05 0.82 15.12
CA MET A 228 59.81 1.85 14.43
C MET A 228 59.92 1.51 12.94
N PRO A 229 60.42 2.42 12.09
CA PRO A 229 60.08 2.33 10.64
C PRO A 229 60.31 0.98 9.97
N GLY A 230 61.23 0.16 10.49
CA GLY A 230 61.53 -1.09 9.79
C GLY A 230 60.39 -2.08 9.82
N GLY A 231 59.72 -2.21 10.97
CA GLY A 231 58.84 -3.33 11.20
C GLY A 231 57.47 -3.24 10.53
N SER A 232 56.72 -4.34 10.66
CA SER A 232 55.35 -4.45 10.20
C SER A 232 54.49 -4.90 11.37
N VAL A 233 53.21 -4.53 11.35
CA VAL A 233 52.35 -4.77 12.51
C VAL A 233 50.98 -5.27 12.05
N ASN A 234 50.34 -6.06 12.91
CA ASN A 234 48.93 -6.44 12.75
C ASN A 234 48.16 -5.91 13.95
N ILE A 235 47.13 -5.11 13.68
CA ILE A 235 46.29 -4.53 14.71
C ILE A 235 44.92 -5.21 14.64
N THR A 236 44.45 -5.73 15.77
CA THR A 236 43.17 -6.43 15.82
C THR A 236 42.14 -5.54 16.50
N CYS A 237 40.97 -5.45 15.89
CA CYS A 237 39.82 -4.74 16.46
C CYS A 237 38.62 -5.65 16.40
N VAL A 238 38.03 -5.94 17.56
CA VAL A 238 36.90 -6.86 17.66
C VAL A 238 35.78 -6.19 18.41
N ALA A 239 34.63 -6.04 17.77
CA ALA A 239 33.44 -5.53 18.42
C ALA A 239 32.32 -6.56 18.32
N VAL A 240 31.49 -6.62 19.36
CA VAL A 240 30.41 -7.58 19.43
C VAL A 240 29.10 -6.86 19.72
N GLY A 241 28.01 -7.59 19.60
CA GLY A 241 26.70 -7.03 19.86
C GLY A 241 25.62 -7.86 19.21
N SER A 242 24.38 -7.40 19.40
CA SER A 242 23.23 -8.06 18.82
C SER A 242 22.34 -7.04 18.10
N PRO A 243 22.36 -7.04 16.76
CA PRO A 243 23.13 -7.93 15.89
C PRO A 243 24.63 -7.64 15.87
N MET A 244 25.42 -8.60 15.37
CA MET A 244 26.86 -8.41 15.28
C MET A 244 27.15 -7.21 14.38
N PRO A 245 28.06 -6.33 14.77
CA PRO A 245 28.31 -5.14 13.97
C PRO A 245 29.29 -5.40 12.83
N TYR A 246 29.15 -4.60 11.78
CA TYR A 246 30.17 -4.54 10.74
C TYR A 246 31.33 -3.70 11.22
N VAL A 247 32.55 -4.16 10.97
CA VAL A 247 33.75 -3.54 11.52
C VAL A 247 34.68 -3.19 10.37
N LYS A 248 34.99 -1.90 10.23
CA LYS A 248 35.83 -1.43 9.15
C LYS A 248 36.96 -0.57 9.71
N TRP A 249 38.06 -0.49 8.96
CA TRP A 249 39.21 0.31 9.32
C TRP A 249 39.23 1.59 8.49
N MET A 250 39.43 2.73 9.16
CA MET A 250 39.51 4.03 8.50
C MET A 250 40.77 4.75 8.94
N LEU A 251 41.37 5.51 8.03
CA LEU A 251 42.48 6.40 8.35
C LEU A 251 42.00 7.83 8.13
N GLY A 252 41.78 8.55 9.24
CA GLY A 252 41.19 9.87 9.15
C GLY A 252 39.78 9.81 8.64
N ALA A 253 39.56 10.25 7.40
CA ALA A 253 38.25 10.20 6.77
C ALA A 253 38.25 9.37 5.50
N GLU A 254 39.22 8.47 5.35
CA GLU A 254 39.31 7.59 4.21
C GLU A 254 38.98 6.16 4.63
N ASP A 255 38.20 5.47 3.80
CA ASP A 255 37.84 4.08 4.08
C ASP A 255 38.95 3.17 3.58
N LEU A 256 39.46 2.32 4.46
CA LEU A 256 40.52 1.37 4.12
C LEU A 256 40.00 -0.03 3.82
N THR A 257 38.86 -0.41 4.37
CA THR A 257 38.36 -1.71 4.00
C THR A 257 37.29 -1.57 2.91
N PRO A 258 37.30 -2.46 1.91
CA PRO A 258 36.35 -2.31 0.80
C PRO A 258 34.92 -2.47 1.29
N GLU A 259 34.00 -1.81 0.57
CA GLU A 259 32.59 -1.83 0.94
C GLU A 259 31.89 -3.14 0.60
N ASP A 260 32.49 -3.99 -0.22
CA ASP A 260 31.85 -5.24 -0.62
C ASP A 260 32.19 -6.41 0.29
N ASP A 261 33.35 -6.39 0.95
CA ASP A 261 33.76 -7.50 1.81
C ASP A 261 33.91 -7.07 3.26
N MET A 262 33.16 -6.05 3.69
CA MET A 262 33.19 -5.59 5.07
C MET A 262 32.98 -6.73 6.05
N PRO A 263 33.92 -6.99 6.96
CA PRO A 263 33.83 -8.17 7.84
C PRO A 263 32.89 -7.92 9.00
N ILE A 264 32.52 -9.03 9.65
CA ILE A 264 31.54 -9.03 10.74
C ILE A 264 32.28 -9.27 12.05
N GLY A 265 32.15 -8.32 12.97
CA GLY A 265 32.68 -8.48 14.32
C GLY A 265 34.15 -8.23 14.54
N ARG A 266 35.00 -8.77 13.68
CA ARG A 266 36.45 -8.73 13.88
C ARG A 266 37.15 -8.31 12.59
N ASN A 267 37.95 -7.25 12.67
CA ASN A 267 38.73 -6.76 11.55
C ASN A 267 40.18 -6.59 12.01
N VAL A 268 41.11 -7.10 11.21
CA VAL A 268 42.53 -7.06 11.53
C VAL A 268 43.22 -6.25 10.43
N LEU A 269 43.68 -5.05 10.79
CA LEU A 269 44.47 -4.21 9.89
C LEU A 269 45.90 -4.74 9.84
N GLU A 270 46.31 -5.24 8.68
CA GLU A 270 47.69 -5.67 8.47
C GLU A 270 48.47 -4.56 7.77
N LEU A 271 49.59 -4.16 8.37
CA LEU A 271 50.40 -3.05 7.91
C LEU A 271 51.80 -3.54 7.61
N ASN A 272 52.19 -3.45 6.34
CA ASN A 272 53.53 -3.77 5.87
C ASN A 272 54.19 -2.50 5.33
N ASP A 273 55.52 -2.47 5.37
CA ASP A 273 56.30 -1.37 4.82
C ASP A 273 55.96 -0.04 5.47
N VAL A 274 55.44 -0.06 6.69
CA VAL A 274 55.06 1.17 7.36
C VAL A 274 56.30 2.02 7.58
N ARG A 275 56.15 3.30 7.45
CA ARG A 275 57.31 4.13 7.73
C ARG A 275 56.99 5.37 8.54
N GLN A 276 55.76 5.86 8.48
CA GLN A 276 55.37 7.12 9.11
C GLN A 276 54.30 6.90 10.17
N SER A 277 54.21 7.86 11.10
CA SER A 277 53.23 7.79 12.19
C SER A 277 51.81 8.02 11.66
N ALA A 278 50.86 7.26 12.19
CA ALA A 278 49.47 7.30 11.73
C ALA A 278 48.51 7.19 12.91
N ASN A 279 47.28 7.66 12.68
CA ASN A 279 46.19 7.61 13.65
C ASN A 279 45.05 6.81 13.03
N TYR A 280 45.19 5.48 13.04
CA TYR A 280 44.14 4.64 12.47
C TYR A 280 42.98 4.49 13.44
N THR A 281 41.76 4.42 12.90
CA THR A 281 40.57 4.27 13.71
C THR A 281 39.76 3.08 13.23
N CYS A 282 39.32 2.26 14.18
CA CYS A 282 38.41 1.15 13.94
C CYS A 282 36.99 1.59 14.22
N VAL A 283 36.11 1.43 13.23
CA VAL A 283 34.71 1.81 13.32
C VAL A 283 33.87 0.55 13.28
N ALA A 284 33.05 0.36 14.30
CA ALA A 284 32.11 -0.76 14.36
C ALA A 284 30.69 -0.20 14.36
N MET A 285 29.96 -0.46 13.30
CA MET A 285 28.63 0.11 13.12
C MET A 285 27.61 -1.02 12.96
N SER A 286 26.40 -0.76 13.43
CA SER A 286 25.29 -1.66 13.25
C SER A 286 24.02 -0.84 13.07
N THR A 287 22.90 -1.54 12.90
CA THR A 287 21.62 -0.84 12.81
C THR A 287 21.26 -0.13 14.11
N LEU A 288 21.87 -0.53 15.23
CA LEU A 288 21.60 0.09 16.52
C LEU A 288 22.49 1.29 16.81
N GLY A 289 23.75 1.26 16.38
CA GLY A 289 24.62 2.39 16.61
C GLY A 289 25.97 2.19 15.94
N VAL A 290 26.78 3.24 16.02
CA VAL A 290 28.13 3.23 15.48
C VAL A 290 29.08 3.72 16.57
N ILE A 291 30.23 3.05 16.68
CA ILE A 291 31.25 3.39 17.66
C ILE A 291 32.60 3.35 16.97
N GLU A 292 33.55 4.12 17.50
CA GLU A 292 34.88 4.21 16.91
C GLU A 292 35.93 4.32 17.99
N ALA A 293 37.05 3.61 17.79
CA ALA A 293 38.16 3.63 18.73
C ALA A 293 39.46 3.72 17.94
N ILE A 294 40.41 4.49 18.45
CA ILE A 294 41.59 4.88 17.69
C ILE A 294 42.82 4.15 18.22
N ALA A 295 43.61 3.62 17.30
CA ALA A 295 44.95 3.11 17.58
C ALA A 295 45.97 4.00 16.89
N GLN A 296 47.00 4.42 17.64
CA GLN A 296 48.06 5.27 17.13
C GLN A 296 49.31 4.43 16.88
N ILE A 297 49.91 4.60 15.72
CA ILE A 297 51.16 3.94 15.36
C ILE A 297 52.23 5.01 15.24
N THR A 298 53.34 4.82 15.95
CA THR A 298 54.43 5.79 15.95
C THR A 298 55.74 5.14 15.53
N SER B 1 18.17 8.83 13.55
CA SER B 1 18.55 9.11 14.93
C SER B 1 19.69 8.20 15.37
N ALA B 2 20.46 8.65 16.37
CA ALA B 2 21.59 7.87 16.85
C ALA B 2 21.13 6.63 17.61
N ASP B 3 20.06 6.75 18.39
CA ASP B 3 19.57 5.62 19.17
C ASP B 3 18.74 4.66 18.32
N GLY B 4 17.86 5.21 17.47
CA GLY B 4 16.99 4.37 16.67
C GLY B 4 16.92 4.77 15.22
N CYS B 5 16.97 3.78 14.34
CA CYS B 5 16.88 4.02 12.91
C CYS B 5 15.44 4.37 12.52
N THR B 6 15.31 4.98 11.34
CA THR B 6 13.99 5.29 10.79
C THR B 6 13.57 4.13 9.91
N ASP B 7 12.75 3.24 10.46
CA ASP B 7 12.39 2.02 9.75
C ASP B 7 11.21 2.28 8.83
N TRP B 8 11.41 1.92 7.57
CA TRP B 8 10.34 1.88 6.58
C TRP B 8 10.07 0.37 6.47
N SER B 9 8.91 -0.07 7.01
CA SER B 9 8.62 -1.49 7.35
C SER B 9 9.13 -2.50 6.33
N ILE B 10 8.45 -2.56 5.18
CA ILE B 10 8.89 -3.36 4.03
C ILE B 10 8.57 -2.54 2.79
N ASP B 11 9.10 -2.94 1.63
CA ASP B 11 8.81 -2.14 0.45
C ASP B 11 7.67 -2.78 -0.35
N ILE B 12 7.03 -1.98 -1.22
CA ILE B 12 5.90 -2.50 -1.97
C ILE B 12 6.35 -3.55 -2.98
N LYS B 13 7.55 -3.41 -3.53
CA LYS B 13 8.03 -4.35 -4.53
C LYS B 13 8.50 -5.65 -3.87
N LYS B 14 7.98 -6.76 -4.36
CA LYS B 14 8.38 -8.09 -3.91
C LYS B 14 9.05 -8.83 -5.05
N TYR B 15 10.14 -9.52 -4.75
CA TYR B 15 10.81 -10.37 -5.71
C TYR B 15 10.38 -11.80 -5.46
N GLN B 16 9.79 -12.44 -6.46
CA GLN B 16 9.38 -13.85 -6.37
C GLN B 16 9.84 -14.55 -7.64
N VAL B 17 10.80 -15.46 -7.50
CA VAL B 17 11.38 -16.16 -8.65
C VAL B 17 11.46 -17.64 -8.33
N LEU B 18 11.45 -18.44 -9.40
CA LEU B 18 11.73 -19.87 -9.25
C LEU B 18 13.18 -20.08 -8.85
N VAL B 19 13.43 -21.19 -8.17
CA VAL B 19 14.79 -21.49 -7.72
C VAL B 19 15.65 -21.81 -8.93
N GLY B 20 16.94 -21.53 -8.81
CA GLY B 20 17.85 -21.70 -9.92
C GLY B 20 17.86 -20.55 -10.90
N GLU B 21 17.25 -19.44 -10.55
CA GLU B 21 17.15 -18.28 -11.42
C GLU B 21 18.02 -17.16 -10.88
N PRO B 22 18.78 -16.49 -11.74
CA PRO B 22 19.52 -15.33 -11.28
C PRO B 22 18.56 -14.18 -11.00
N VAL B 23 18.82 -13.43 -9.94
CA VAL B 23 17.99 -12.28 -9.64
C VAL B 23 18.85 -11.22 -8.97
N ARG B 24 18.47 -9.97 -9.16
CA ARG B 24 19.16 -8.83 -8.55
C ARG B 24 18.12 -8.00 -7.81
N ILE B 25 18.33 -7.81 -6.51
CA ILE B 25 17.44 -6.97 -5.72
C ILE B 25 18.22 -5.71 -5.37
N LYS B 26 17.56 -4.56 -5.44
CA LYS B 26 18.26 -3.32 -5.15
C LYS B 26 17.60 -2.59 -3.98
N CYS B 27 18.39 -1.72 -3.37
CA CYS B 27 17.91 -0.91 -2.26
C CYS B 27 16.71 -0.06 -2.70
N ALA B 28 15.58 -0.25 -2.05
CA ALA B 28 14.42 0.56 -2.39
C ALA B 28 14.55 2.00 -1.93
N LEU B 29 15.50 2.32 -1.05
CA LEU B 29 15.59 3.66 -0.50
C LEU B 29 15.88 4.69 -1.59
N PHE B 30 16.88 4.42 -2.42
CA PHE B 30 17.26 5.38 -3.45
C PHE B 30 16.23 5.49 -4.55
N TYR B 31 15.41 4.45 -4.75
CA TYR B 31 14.48 4.40 -5.87
C TYR B 31 13.06 4.83 -5.51
N GLY B 32 12.81 5.23 -4.27
CA GLY B 32 11.47 5.64 -3.91
C GLY B 32 11.37 6.49 -2.66
N TYR B 33 12.27 6.30 -1.70
CA TYR B 33 12.14 6.92 -0.38
C TYR B 33 12.93 8.20 -0.23
N ILE B 34 14.16 8.24 -0.75
CA ILE B 34 14.96 9.46 -0.72
C ILE B 34 15.50 9.72 -2.10
N ARG B 35 15.79 11.00 -2.38
CA ARG B 35 16.31 11.42 -3.68
C ARG B 35 17.83 11.52 -3.59
N THR B 36 18.51 10.45 -3.99
CA THR B 36 19.96 10.45 -3.98
C THR B 36 20.47 9.27 -4.83
N ASN B 37 21.49 9.54 -5.63
CA ASN B 37 22.35 8.47 -6.14
C ASN B 37 22.87 7.63 -4.98
N TYR B 38 23.18 6.35 -5.26
CA TYR B 38 23.91 5.57 -4.28
C TYR B 38 25.32 6.11 -4.06
N SER B 39 25.96 6.58 -5.10
CA SER B 39 27.38 6.87 -5.00
C SER B 39 27.55 8.25 -4.41
N LEU B 40 26.42 8.89 -4.19
CA LEU B 40 26.25 10.24 -3.71
C LEU B 40 25.98 10.31 -2.22
N ALA B 41 25.32 9.29 -1.64
CA ALA B 41 25.28 8.97 -0.21
C ALA B 41 26.63 8.45 0.28
N GLN B 42 27.31 7.63 -0.53
CA GLN B 42 28.64 7.16 -0.17
C GLN B 42 29.62 8.31 -0.08
N SER B 43 29.56 9.25 -1.02
CA SER B 43 30.46 10.41 -0.99
C SER B 43 30.18 11.28 0.22
N ALA B 44 28.92 11.43 0.59
CA ALA B 44 28.56 12.25 1.74
C ALA B 44 28.95 11.62 3.07
N GLY B 45 29.49 10.40 3.06
CA GLY B 45 29.91 9.74 4.27
C GLY B 45 28.93 8.74 4.86
N LEU B 46 27.92 8.33 4.11
CA LEU B 46 26.95 7.35 4.58
C LEU B 46 27.35 5.95 4.12
N SER B 47 27.21 4.98 5.02
CA SER B 47 27.54 3.60 4.72
C SER B 47 26.27 2.78 4.48
N LEU B 48 26.40 1.79 3.61
CA LEU B 48 25.29 0.93 3.18
C LEU B 48 25.54 -0.48 3.69
N MET B 49 24.70 -0.94 4.61
CA MET B 49 24.79 -2.28 5.17
C MET B 49 23.50 -3.04 4.87
N TRP B 50 23.66 -4.36 4.65
CA TRP B 50 22.54 -5.26 4.41
C TRP B 50 22.36 -6.20 5.60
N TYR B 51 21.11 -6.42 5.98
CA TYR B 51 20.79 -7.44 6.97
C TYR B 51 19.81 -8.43 6.37
N LYS B 52 19.66 -9.57 7.03
CA LYS B 52 18.73 -10.59 6.55
C LYS B 52 18.01 -11.22 7.73
N SER B 53 16.68 -11.29 7.62
CA SER B 53 15.85 -12.01 8.58
C SER B 53 15.02 -13.03 7.82
N SER B 54 14.68 -14.14 8.49
CA SER B 54 13.90 -15.18 7.84
C SER B 54 12.42 -14.83 7.74
N GLY B 55 11.91 -13.96 8.62
CA GLY B 55 10.52 -13.61 8.61
C GLY B 55 10.30 -12.17 8.99
N PRO B 56 9.06 -11.69 8.84
CA PRO B 56 8.78 -10.27 9.14
C PRO B 56 9.01 -9.89 10.59
N GLY B 57 8.74 -10.78 11.54
CA GLY B 57 8.93 -10.45 12.92
C GLY B 57 10.22 -11.00 13.51
N ASP B 58 10.94 -11.80 12.73
CA ASP B 58 12.12 -12.48 13.24
C ASP B 58 13.33 -11.54 13.25
N PHE B 59 14.42 -12.03 13.83
CA PHE B 59 15.59 -11.22 14.12
C PHE B 59 16.44 -11.01 12.88
N GLU B 60 17.08 -9.85 12.80
CA GLU B 60 17.92 -9.48 11.68
C GLU B 60 19.38 -9.79 11.98
N GLU B 61 20.11 -10.25 10.95
CA GLU B 61 21.49 -10.70 11.08
C GLU B 61 22.32 -10.17 9.92
N PRO B 62 23.62 -9.93 10.15
CA PRO B 62 24.48 -9.42 9.08
C PRO B 62 24.74 -10.47 8.01
N ILE B 63 25.24 -10.00 6.88
CA ILE B 63 25.50 -10.85 5.72
C ILE B 63 26.97 -10.75 5.35
N ALA B 64 27.55 -11.87 4.93
CA ALA B 64 28.92 -11.95 4.45
C ALA B 64 28.88 -12.51 3.03
N PHE B 65 29.28 -11.70 2.06
CA PHE B 65 29.16 -12.09 0.66
C PHE B 65 30.41 -12.82 0.17
N ASP B 66 30.20 -13.76 -0.74
CA ASP B 66 31.32 -14.48 -1.35
C ASP B 66 31.73 -13.92 -2.70
N GLY B 67 30.86 -13.14 -3.35
CA GLY B 67 31.18 -12.51 -4.62
C GLY B 67 30.84 -13.32 -5.86
N SER B 68 30.60 -14.63 -5.72
CA SER B 68 30.29 -15.49 -6.86
C SER B 68 28.81 -15.84 -6.98
N ARG B 69 28.21 -16.39 -5.94
CA ARG B 69 26.77 -16.64 -5.92
C ARG B 69 26.02 -15.41 -5.43
N MET B 70 26.36 -14.93 -4.24
CA MET B 70 25.79 -13.73 -3.67
C MET B 70 26.86 -12.65 -3.70
N SER B 71 26.75 -11.72 -4.64
CA SER B 71 27.70 -10.63 -4.75
C SER B 71 27.00 -9.32 -4.43
N LYS B 72 27.67 -8.46 -3.67
CA LYS B 72 27.14 -7.14 -3.36
C LYS B 72 27.75 -6.14 -4.33
N GLU B 73 26.93 -5.58 -5.21
CA GLU B 73 27.40 -4.66 -6.23
C GLU B 73 26.60 -3.38 -6.15
N GLU B 74 27.30 -2.27 -5.84
CA GLU B 74 26.70 -0.93 -5.79
C GLU B 74 25.58 -0.94 -4.75
N ASP B 75 24.36 -0.59 -5.10
CA ASP B 75 23.23 -0.56 -4.18
C ASP B 75 22.38 -1.82 -4.27
N SER B 76 22.92 -2.90 -4.81
CA SER B 76 22.12 -4.08 -5.08
C SER B 76 22.87 -5.35 -4.68
N ILE B 77 22.11 -6.43 -4.56
CA ILE B 77 22.62 -7.76 -4.28
C ILE B 77 22.28 -8.65 -5.48
N TRP B 78 23.26 -9.42 -5.92
CA TRP B 78 23.13 -10.33 -7.05
C TRP B 78 23.15 -11.77 -6.55
N PHE B 79 22.15 -12.55 -6.96
CA PHE B 79 22.03 -13.97 -6.67
C PHE B 79 22.21 -14.71 -7.99
N ARG B 80 23.31 -15.44 -8.12
CA ARG B 80 23.58 -16.15 -9.37
C ARG B 80 24.07 -17.57 -9.06
N PRO B 81 23.17 -18.57 -9.04
CA PRO B 81 21.71 -18.49 -9.13
C PRO B 81 21.14 -18.40 -7.72
N THR B 82 19.86 -18.12 -7.57
CA THR B 82 19.21 -18.15 -6.27
C THR B 82 19.09 -19.59 -5.77
N LEU B 83 18.96 -19.71 -4.46
CA LEU B 83 18.69 -20.98 -3.80
C LEU B 83 17.43 -20.84 -2.97
N LEU B 84 16.82 -21.98 -2.63
CA LEU B 84 15.64 -21.96 -1.78
C LEU B 84 15.91 -21.27 -0.45
N GLN B 85 17.11 -21.48 0.11
CA GLN B 85 17.51 -20.82 1.35
C GLN B 85 17.56 -19.30 1.23
N ASP B 86 17.58 -18.74 0.02
CA ASP B 86 17.77 -17.30 -0.10
C ASP B 86 16.54 -16.50 0.29
N SER B 87 15.39 -17.16 0.49
CA SER B 87 14.16 -16.44 0.80
C SER B 87 14.26 -15.74 2.15
N GLY B 88 13.53 -14.65 2.30
CA GLY B 88 13.49 -13.89 3.53
C GLY B 88 13.43 -12.41 3.23
N LEU B 89 13.74 -11.62 4.25
CA LEU B 89 13.71 -10.16 4.19
C LEU B 89 15.14 -9.63 4.24
N TYR B 90 15.52 -8.86 3.22
CA TYR B 90 16.83 -8.22 3.15
C TYR B 90 16.67 -6.74 3.46
N ALA B 91 17.18 -6.30 4.60
CA ALA B 91 17.07 -4.91 5.02
C ALA B 91 18.23 -4.10 4.44
N CYS B 92 17.88 -3.10 3.63
CA CYS B 92 18.80 -2.06 3.20
C CYS B 92 18.87 -0.98 4.26
N VAL B 93 20.08 -0.70 4.76
CA VAL B 93 20.29 0.32 5.78
C VAL B 93 21.38 1.26 5.29
N ILE B 94 21.12 2.57 5.33
CA ILE B 94 22.14 3.59 5.15
C ILE B 94 22.25 4.40 6.44
N ARG B 95 23.47 4.65 6.88
CA ARG B 95 23.62 5.39 8.14
C ARG B 95 25.00 6.02 8.23
N ASN B 96 25.07 7.11 9.00
CA ASN B 96 26.32 7.63 9.52
C ASN B 96 26.17 7.80 11.02
N SER B 97 27.03 8.62 11.64
CA SER B 97 27.02 8.77 13.09
C SER B 97 25.67 9.25 13.60
N THR B 98 25.03 10.16 12.86
CA THR B 98 23.78 10.75 13.34
C THR B 98 22.55 10.34 12.58
N TYR B 99 22.69 9.92 11.33
CA TYR B 99 21.57 9.62 10.44
C TYR B 99 21.45 8.11 10.24
N CYS B 100 20.22 7.63 10.09
CA CYS B 100 20.00 6.21 9.85
C CYS B 100 18.63 6.03 9.22
N MET B 101 18.57 5.25 8.14
CA MET B 101 17.32 4.95 7.47
C MET B 101 17.42 3.56 6.86
N LYS B 102 16.32 2.81 6.94
CA LYS B 102 16.35 1.43 6.46
C LYS B 102 14.97 1.01 5.97
N VAL B 103 14.97 0.02 5.08
CA VAL B 103 13.74 -0.54 4.53
C VAL B 103 13.99 -2.00 4.22
N SER B 104 12.94 -2.82 4.25
CA SER B 104 13.08 -4.26 4.06
C SER B 104 12.55 -4.67 2.69
N ILE B 105 13.36 -5.44 1.96
CA ILE B 105 13.00 -5.94 0.63
C ILE B 105 12.69 -7.43 0.74
N SER B 106 11.52 -7.83 0.26
CA SER B 106 11.11 -9.23 0.36
C SER B 106 11.63 -10.01 -0.84
N LEU B 107 12.17 -11.20 -0.59
CA LEU B 107 12.68 -12.07 -1.64
C LEU B 107 12.21 -13.49 -1.36
N THR B 108 11.45 -14.06 -2.29
CA THR B 108 10.88 -15.38 -2.12
C THR B 108 11.32 -16.28 -3.25
N VAL B 109 11.91 -17.42 -2.91
CA VAL B 109 12.39 -18.40 -3.87
C VAL B 109 11.63 -19.68 -3.64
N GLY B 110 10.99 -20.21 -4.70
CA GLY B 110 10.20 -21.40 -4.56
C GLY B 110 10.30 -22.28 -5.79
N GLU B 111 9.86 -23.52 -5.63
CA GLU B 111 9.78 -24.45 -6.74
C GLU B 111 8.46 -24.26 -7.46
N ASN B 112 8.40 -24.71 -8.71
CA ASN B 112 7.15 -24.58 -9.43
C ASN B 112 6.23 -25.74 -9.06
N ASP B 113 4.92 -25.47 -9.12
CA ASP B 113 3.93 -26.44 -8.66
C ASP B 113 4.03 -27.74 -9.46
N THR B 114 3.57 -28.82 -8.83
CA THR B 114 3.77 -30.16 -9.38
C THR B 114 3.18 -30.28 -10.78
N GLY B 115 4.02 -30.62 -11.75
CA GLY B 115 3.60 -30.82 -13.12
C GLY B 115 3.47 -29.56 -13.95
N LEU B 116 3.79 -28.40 -13.39
CA LEU B 116 3.65 -27.13 -14.08
C LEU B 116 5.00 -26.44 -14.17
N CYS B 117 5.05 -25.38 -14.96
CA CYS B 117 6.26 -24.59 -15.19
C CYS B 117 6.21 -23.26 -14.47
N TYR B 118 5.43 -23.15 -13.40
CA TYR B 118 5.30 -21.90 -12.65
C TYR B 118 4.79 -22.23 -11.26
N ASN B 119 4.87 -21.25 -10.37
CA ASN B 119 4.32 -21.32 -9.02
C ASN B 119 3.08 -20.44 -8.96
N SER B 120 1.92 -21.06 -8.66
CA SER B 120 0.66 -20.32 -8.69
C SER B 120 0.69 -19.08 -7.81
N LYS B 121 1.46 -19.11 -6.73
CA LYS B 121 1.57 -17.95 -5.85
C LYS B 121 2.32 -16.80 -6.52
N MET B 122 3.20 -17.09 -7.47
CA MET B 122 4.04 -16.08 -8.10
C MET B 122 3.66 -15.95 -9.58
N LYS B 123 2.65 -15.14 -9.85
CA LYS B 123 2.16 -14.94 -11.21
C LYS B 123 1.76 -13.48 -11.41
N TYR B 124 1.92 -13.04 -12.64
CA TYR B 124 1.39 -11.75 -13.06
C TYR B 124 -0.05 -11.93 -13.50
N PHE B 125 -0.85 -10.87 -13.39
CA PHE B 125 -2.26 -10.95 -13.74
C PHE B 125 -2.60 -9.80 -14.68
N GLU B 126 -3.24 -10.12 -15.80
CA GLU B 126 -3.62 -9.09 -16.75
C GLU B 126 -5.04 -9.36 -17.25
N LYS B 127 -5.75 -8.29 -17.59
CA LYS B 127 -7.09 -8.38 -18.13
C LYS B 127 -7.09 -7.96 -19.60
N ALA B 128 -8.06 -8.48 -20.36
CA ALA B 128 -8.21 -8.14 -21.76
C ALA B 128 -9.67 -8.24 -22.15
N GLU B 129 -10.05 -7.50 -23.19
CA GLU B 129 -11.42 -7.47 -23.68
C GLU B 129 -11.50 -8.14 -25.05
N LEU B 130 -12.62 -8.79 -25.30
CA LEU B 130 -12.85 -9.43 -26.60
C LEU B 130 -12.81 -8.41 -27.72
N SER B 131 -12.43 -8.89 -28.91
CA SER B 131 -12.44 -8.13 -30.15
C SER B 131 -11.39 -7.02 -30.18
N LYS B 132 -10.71 -6.80 -29.07
CA LYS B 132 -9.69 -5.75 -28.98
C LYS B 132 -8.31 -6.38 -28.91
N SER B 133 -7.29 -5.53 -28.99
CA SER B 133 -5.91 -5.99 -28.95
C SER B 133 -5.40 -5.98 -27.51
N LYS B 134 -4.51 -6.93 -27.22
CA LYS B 134 -3.92 -7.07 -25.90
C LYS B 134 -2.45 -7.42 -26.05
N GLU B 135 -1.59 -6.73 -25.31
CA GLU B 135 -0.16 -6.98 -25.35
C GLU B 135 0.30 -7.47 -23.98
N ILE B 136 0.83 -8.69 -23.94
CA ILE B 136 1.46 -9.27 -22.75
C ILE B 136 2.97 -9.16 -22.92
N SER B 137 3.65 -8.64 -21.91
CA SER B 137 5.11 -8.53 -21.97
C SER B 137 5.76 -9.39 -20.90
N CYS B 138 6.99 -9.81 -21.17
CA CYS B 138 7.80 -10.52 -20.18
C CYS B 138 8.40 -9.48 -19.25
N ARG B 139 7.82 -9.35 -18.06
CA ARG B 139 8.16 -8.27 -17.14
C ARG B 139 9.36 -8.65 -16.27
N ASP B 140 10.05 -7.61 -15.79
CA ASP B 140 11.13 -7.73 -14.82
C ASP B 140 12.27 -8.59 -15.36
N ILE B 141 12.80 -8.19 -16.52
CA ILE B 141 13.97 -8.84 -17.10
C ILE B 141 14.93 -7.80 -17.65
N GLU B 142 14.87 -6.58 -17.11
CA GLU B 142 15.75 -5.52 -17.59
C GLU B 142 17.22 -5.92 -17.52
N ASP B 143 17.64 -6.49 -16.39
CA ASP B 143 19.03 -6.84 -16.20
C ASP B 143 19.50 -7.94 -17.16
N PHE B 144 18.57 -8.64 -17.81
CA PHE B 144 18.93 -9.71 -18.74
C PHE B 144 18.85 -9.29 -20.20
N LEU B 145 18.38 -8.08 -20.48
CA LEU B 145 18.14 -7.62 -21.84
C LEU B 145 19.31 -6.78 -22.33
N LEU B 146 19.83 -7.13 -23.50
CA LEU B 146 20.80 -6.32 -24.20
C LEU B 146 20.12 -5.63 -25.37
N PRO B 147 20.18 -4.30 -25.47
CA PRO B 147 19.48 -3.62 -26.58
C PRO B 147 20.00 -4.02 -27.94
N THR B 148 21.25 -4.48 -28.03
CA THR B 148 21.84 -4.91 -29.29
C THR B 148 21.64 -6.40 -29.55
N ARG B 149 20.89 -7.10 -28.71
CA ARG B 149 20.73 -8.55 -28.84
C ARG B 149 19.27 -8.94 -28.73
N GLU B 150 18.86 -9.87 -29.57
CA GLU B 150 17.52 -10.45 -29.48
C GLU B 150 17.49 -11.48 -28.36
N PRO B 151 16.52 -11.40 -27.44
CA PRO B 151 16.54 -12.27 -26.26
C PRO B 151 16.25 -13.73 -26.56
N GLU B 152 15.74 -14.04 -27.75
CA GLU B 152 15.38 -15.41 -28.12
C GLU B 152 14.45 -16.02 -27.07
N ILE B 153 13.31 -15.34 -26.86
CA ILE B 153 12.31 -15.73 -25.87
C ILE B 153 11.36 -16.76 -26.47
N LEU B 154 11.03 -17.79 -25.69
CA LEU B 154 10.01 -18.75 -26.07
C LEU B 154 8.77 -18.52 -25.23
N TRP B 155 7.60 -18.67 -25.83
CA TRP B 155 6.33 -18.52 -25.15
C TRP B 155 5.58 -19.84 -25.14
N TYR B 156 5.01 -20.18 -24.00
CA TYR B 156 4.25 -21.40 -23.81
C TYR B 156 2.85 -21.03 -23.31
N LYS B 157 1.86 -21.81 -23.73
CA LYS B 157 0.49 -21.66 -23.25
C LYS B 157 0.13 -22.92 -22.49
N GLU B 158 -0.18 -22.77 -21.21
CA GLU B 158 -0.49 -23.89 -20.32
C GLU B 158 0.70 -24.84 -20.21
N CYS B 159 1.88 -24.25 -20.04
CA CYS B 159 3.13 -24.97 -19.82
C CYS B 159 3.49 -25.90 -20.98
N ARG B 160 2.84 -25.73 -22.13
CA ARG B 160 3.11 -26.56 -23.30
C ARG B 160 3.40 -25.66 -24.50
N THR B 161 4.30 -26.14 -25.36
CA THR B 161 4.57 -25.45 -26.61
C THR B 161 3.37 -25.58 -27.52
N LYS B 162 2.93 -24.46 -28.09
CA LYS B 162 1.77 -24.46 -28.97
C LYS B 162 2.12 -23.74 -30.27
N THR B 163 1.30 -23.98 -31.28
CA THR B 163 1.41 -23.30 -32.56
C THR B 163 0.53 -22.03 -32.55
N TRP B 164 1.16 -20.88 -32.69
CA TRP B 164 0.45 -19.61 -32.53
C TRP B 164 -0.07 -19.12 -33.86
N ARG B 165 -1.31 -18.62 -33.86
CA ARG B 165 -1.92 -18.11 -35.07
C ARG B 165 -1.18 -16.87 -35.56
N PRO B 166 -1.19 -16.61 -36.87
CA PRO B 166 -0.50 -15.43 -37.40
C PRO B 166 -1.02 -14.12 -36.86
N SER B 167 -2.19 -14.11 -36.23
CA SER B 167 -2.73 -12.91 -35.60
C SER B 167 -1.94 -12.49 -34.37
N ILE B 168 -0.95 -13.27 -33.95
CA ILE B 168 -0.15 -13.00 -32.77
C ILE B 168 1.28 -12.70 -33.22
N VAL B 169 1.79 -11.53 -32.85
CA VAL B 169 2.94 -10.93 -33.54
C VAL B 169 4.27 -11.47 -33.02
N PHE B 170 4.48 -11.52 -31.71
CA PHE B 170 5.72 -12.03 -31.11
C PHE B 170 6.93 -11.22 -31.56
N LYS B 171 7.00 -9.97 -31.09
CA LYS B 171 8.10 -9.09 -31.44
C LYS B 171 8.91 -8.79 -30.18
N ARG B 172 10.19 -9.16 -30.22
CA ARG B 172 11.16 -8.94 -29.14
C ARG B 172 10.65 -9.63 -27.87
N ASP B 173 10.37 -8.91 -26.78
CA ASP B 173 10.00 -9.52 -25.51
C ASP B 173 8.50 -9.50 -25.25
N THR B 174 7.68 -9.19 -26.26
CA THR B 174 6.25 -9.05 -26.06
C THR B 174 5.48 -9.96 -27.01
N LEU B 175 4.31 -10.38 -26.55
CA LEU B 175 3.30 -11.10 -27.32
C LEU B 175 2.12 -10.15 -27.53
N LEU B 176 1.71 -9.95 -28.77
CA LEU B 176 0.59 -9.06 -29.08
C LEU B 176 -0.51 -9.86 -29.77
N ILE B 177 -1.69 -9.85 -29.17
CA ILE B 177 -2.90 -10.41 -29.76
C ILE B 177 -3.68 -9.26 -30.41
N ARG B 178 -3.97 -9.39 -31.71
CA ARG B 178 -4.67 -8.31 -32.41
C ARG B 178 -6.15 -8.31 -32.09
N GLU B 179 -6.75 -9.50 -31.91
CA GLU B 179 -8.15 -9.63 -31.52
C GLU B 179 -8.28 -10.78 -30.55
N VAL B 180 -8.72 -10.48 -29.33
CA VAL B 180 -8.76 -11.44 -28.23
C VAL B 180 -10.04 -12.26 -28.30
N ARG B 181 -9.93 -13.54 -27.91
CA ARG B 181 -11.06 -14.46 -27.82
C ARG B 181 -11.18 -15.02 -26.42
N GLU B 182 -12.35 -15.59 -26.12
CA GLU B 182 -12.49 -16.31 -24.86
C GLU B 182 -11.60 -17.55 -24.86
N ASP B 183 -11.34 -18.10 -26.04
CA ASP B 183 -10.38 -19.21 -26.16
C ASP B 183 -9.01 -18.82 -25.63
N ASP B 184 -8.72 -17.52 -25.55
CA ASP B 184 -7.40 -17.03 -25.23
C ASP B 184 -7.14 -16.93 -23.73
N ILE B 185 -8.12 -17.25 -22.88
CA ILE B 185 -7.87 -17.30 -21.44
C ILE B 185 -6.81 -18.36 -21.16
N GLY B 186 -5.93 -18.07 -20.21
CA GLY B 186 -4.99 -19.08 -19.78
C GLY B 186 -3.75 -18.48 -19.15
N ASN B 187 -2.77 -19.36 -18.97
CA ASN B 187 -1.49 -19.04 -18.35
C ASN B 187 -0.42 -19.01 -19.44
N TYR B 188 0.24 -17.87 -19.57
CA TYR B 188 1.30 -17.65 -20.55
C TYR B 188 2.65 -17.66 -19.84
N THR B 189 3.49 -18.62 -20.18
CA THR B 189 4.83 -18.73 -19.58
C THR B 189 5.86 -18.23 -20.60
N CYS B 190 6.60 -17.21 -20.20
CA CYS B 190 7.67 -16.63 -20.98
C CYS B 190 9.01 -17.14 -20.46
N GLU B 191 9.83 -17.70 -21.35
CA GLU B 191 11.08 -18.34 -20.96
C GLU B 191 12.25 -17.75 -21.75
N LEU B 192 13.27 -17.29 -21.03
CA LEU B 192 14.43 -16.62 -21.60
C LEU B 192 15.71 -17.24 -21.03
N LYS B 193 16.69 -17.47 -21.90
CA LYS B 193 17.98 -18.02 -21.50
C LYS B 193 18.96 -16.89 -21.24
N TYR B 194 19.67 -16.97 -20.12
CA TYR B 194 20.62 -15.93 -19.74
C TYR B 194 21.78 -16.56 -18.99
N GLY B 195 22.96 -16.55 -19.60
CA GLY B 195 24.16 -17.02 -18.93
C GLY B 195 24.09 -18.45 -18.47
N GLY B 196 23.43 -19.31 -19.24
CA GLY B 196 23.26 -20.69 -18.85
C GLY B 196 22.16 -20.95 -17.85
N PHE B 197 21.52 -19.91 -17.34
CA PHE B 197 20.40 -20.03 -16.42
C PHE B 197 19.12 -19.61 -17.11
N VAL B 198 18.05 -20.36 -16.91
CA VAL B 198 16.76 -20.09 -17.53
C VAL B 198 15.92 -19.25 -16.59
N VAL B 199 15.49 -18.07 -17.05
CA VAL B 199 14.59 -17.22 -16.28
C VAL B 199 13.21 -17.29 -16.92
N ARG B 200 12.17 -17.22 -16.08
CA ARG B 200 10.79 -17.37 -16.53
C ARG B 200 9.91 -16.34 -15.87
N ARG B 201 8.85 -15.94 -16.58
CA ARG B 201 7.81 -15.06 -16.05
C ARG B 201 6.47 -15.59 -16.55
N THR B 202 5.50 -15.76 -15.64
CA THR B 202 4.22 -16.34 -16.00
C THR B 202 3.08 -15.37 -15.73
N THR B 203 2.26 -15.11 -16.74
CA THR B 203 1.13 -14.20 -16.66
C THR B 203 -0.16 -14.97 -16.88
N GLU B 204 -1.15 -14.78 -16.00
CA GLU B 204 -2.49 -15.31 -16.18
C GLU B 204 -3.36 -14.21 -16.78
N LEU B 205 -4.01 -14.54 -17.90
CA LEU B 205 -4.82 -13.58 -18.64
C LEU B 205 -6.30 -13.87 -18.39
N THR B 206 -7.01 -12.86 -17.90
CA THR B 206 -8.45 -12.92 -17.72
C THR B 206 -9.11 -12.13 -18.84
N VAL B 207 -10.11 -12.71 -19.48
CA VAL B 207 -10.78 -12.10 -20.63
C VAL B 207 -12.21 -11.76 -20.24
N THR B 208 -12.68 -10.59 -20.68
CA THR B 208 -14.04 -10.14 -20.45
C THR B 208 -14.65 -9.64 -21.75
N ALA B 209 -15.96 -9.43 -21.71
CA ALA B 209 -16.64 -8.79 -22.82
C ALA B 209 -16.18 -7.34 -22.95
N PRO B 210 -16.34 -6.73 -24.13
CA PRO B 210 -15.90 -5.34 -24.29
C PRO B 210 -16.72 -4.42 -23.41
N LEU B 211 -16.19 -3.21 -23.20
CA LEU B 211 -16.91 -2.21 -22.43
C LEU B 211 -18.23 -1.87 -23.09
N THR B 212 -19.30 -1.92 -22.31
CA THR B 212 -20.64 -1.75 -22.86
C THR B 212 -20.90 -0.32 -23.29
N ASP B 213 -21.48 -0.16 -24.47
CA ASP B 213 -22.04 1.12 -24.89
C ASP B 213 -23.54 1.18 -24.64
N LYS B 214 -24.08 0.23 -23.88
CA LYS B 214 -25.50 0.11 -23.58
C LYS B 214 -25.74 0.23 -22.08
N PRO B 215 -26.88 0.76 -21.67
CA PRO B 215 -27.22 0.80 -20.24
C PRO B 215 -27.54 -0.59 -19.72
N PRO B 216 -27.81 -0.75 -18.43
CA PRO B 216 -28.20 -2.06 -17.92
C PRO B 216 -29.57 -2.47 -18.44
N LYS B 217 -29.92 -3.72 -18.16
CA LYS B 217 -31.18 -4.31 -18.61
C LYS B 217 -32.01 -4.63 -17.38
N LEU B 218 -33.26 -4.16 -17.36
CA LEU B 218 -34.15 -4.43 -16.24
C LEU B 218 -35.00 -5.64 -16.56
N LEU B 219 -34.82 -6.72 -15.80
CA LEU B 219 -35.61 -7.94 -16.00
C LEU B 219 -36.88 -7.91 -15.17
N TYR B 220 -36.74 -7.71 -13.86
CA TYR B 220 -37.89 -7.59 -12.97
C TYR B 220 -37.58 -6.50 -11.96
N PRO B 221 -38.50 -5.52 -11.80
CA PRO B 221 -39.77 -5.41 -12.52
C PRO B 221 -39.61 -4.88 -13.94
N MET B 222 -40.51 -5.28 -14.83
CA MET B 222 -40.43 -4.82 -16.21
C MET B 222 -40.76 -3.33 -16.29
N GLU B 223 -39.96 -2.58 -17.04
CA GLU B 223 -40.27 -1.18 -17.26
C GLU B 223 -41.41 -1.05 -18.26
N SER B 224 -41.99 0.16 -18.30
CA SER B 224 -43.16 0.49 -19.12
C SER B 224 -44.40 -0.32 -18.74
N LYS B 225 -44.35 -1.06 -17.64
CA LYS B 225 -45.51 -1.75 -17.10
C LYS B 225 -45.46 -1.66 -15.57
N LEU B 226 -46.62 -1.71 -14.95
CA LEU B 226 -46.74 -1.63 -13.49
C LEU B 226 -47.20 -2.99 -12.97
N THR B 227 -46.30 -3.70 -12.30
CA THR B 227 -46.63 -4.95 -11.65
C THR B 227 -47.13 -4.66 -10.25
N ILE B 228 -48.18 -5.38 -9.86
CA ILE B 228 -48.84 -5.16 -8.58
C ILE B 228 -48.51 -6.32 -7.67
N GLN B 229 -48.25 -6.00 -6.41
CA GLN B 229 -48.06 -7.00 -5.39
C GLN B 229 -48.52 -6.34 -4.10
N GLU B 230 -49.59 -6.86 -3.49
CA GLU B 230 -50.05 -6.35 -2.21
C GLU B 230 -50.23 -7.54 -1.29
N THR B 231 -50.01 -7.32 0.01
CA THR B 231 -49.99 -8.43 0.96
C THR B 231 -50.78 -8.03 2.20
N GLN B 232 -50.81 -8.93 3.17
CA GLN B 232 -51.43 -8.66 4.45
C GLN B 232 -50.52 -7.79 5.31
N LEU B 233 -51.13 -7.11 6.28
CA LEU B 233 -50.37 -6.20 7.13
C LEU B 233 -49.51 -6.95 8.14
N GLY B 234 -49.90 -8.16 8.52
CA GLY B 234 -49.19 -8.90 9.53
C GLY B 234 -47.93 -9.59 9.02
N ASP B 235 -48.00 -10.15 7.81
CA ASP B 235 -46.88 -10.86 7.23
C ASP B 235 -45.86 -9.88 6.65
N SER B 236 -44.73 -10.42 6.23
CA SER B 236 -43.66 -9.62 5.63
C SER B 236 -43.86 -9.52 4.12
N ALA B 237 -43.21 -8.51 3.52
CA ALA B 237 -43.26 -8.35 2.08
C ALA B 237 -41.85 -8.14 1.52
N ASN B 238 -41.58 -8.89 0.45
CA ASN B 238 -40.28 -8.97 -0.23
C ASN B 238 -40.42 -8.57 -1.70
N LEU B 239 -39.59 -7.63 -2.14
CA LEU B 239 -39.63 -7.16 -3.53
C LEU B 239 -38.26 -7.34 -4.16
N THR B 240 -38.14 -8.17 -5.19
CA THR B 240 -36.84 -8.38 -5.80
C THR B 240 -36.71 -7.59 -7.08
N CYS B 241 -35.47 -7.18 -7.37
CA CYS B 241 -35.12 -6.42 -8.57
C CYS B 241 -33.98 -7.15 -9.26
N ARG B 242 -34.26 -7.71 -10.43
CA ARG B 242 -33.29 -8.44 -11.23
C ARG B 242 -32.85 -7.58 -12.40
N ALA B 243 -31.54 -7.45 -12.58
CA ALA B 243 -31.00 -6.64 -13.65
C ALA B 243 -29.76 -7.30 -14.22
N PHE B 244 -29.52 -7.05 -15.50
CA PHE B 244 -28.34 -7.51 -16.23
C PHE B 244 -27.40 -6.33 -16.45
N PHE B 245 -26.13 -6.56 -16.18
CA PHE B 245 -25.08 -5.55 -16.25
C PHE B 245 -24.00 -6.03 -17.21
N GLY B 246 -23.87 -5.36 -18.35
CA GLY B 246 -22.72 -5.53 -19.20
C GLY B 246 -21.44 -5.07 -18.51
N TYR B 247 -20.31 -5.44 -19.12
CA TYR B 247 -19.01 -5.12 -18.53
C TYR B 247 -18.72 -3.64 -18.70
N SER B 248 -18.85 -2.87 -17.62
CA SER B 248 -18.52 -1.46 -17.62
C SER B 248 -17.33 -1.18 -16.71
N GLY B 249 -16.42 -2.13 -16.64
CA GLY B 249 -15.30 -2.10 -15.71
C GLY B 249 -15.57 -3.04 -14.55
N ASP B 250 -14.52 -3.74 -14.13
CA ASP B 250 -14.63 -4.60 -12.95
C ASP B 250 -14.96 -3.74 -11.74
N VAL B 251 -16.21 -3.80 -11.29
CA VAL B 251 -16.74 -2.79 -10.38
C VAL B 251 -18.04 -3.29 -9.81
N SER B 252 -18.47 -2.69 -8.70
CA SER B 252 -19.76 -3.00 -8.12
C SER B 252 -20.87 -2.35 -8.94
N PRO B 253 -21.92 -3.10 -9.30
CA PRO B 253 -22.97 -2.53 -10.16
C PRO B 253 -23.87 -1.58 -9.38
N LEU B 254 -24.39 -0.59 -10.09
CA LEU B 254 -25.24 0.44 -9.49
C LEU B 254 -26.70 0.05 -9.69
N ILE B 255 -27.23 -0.70 -8.72
CA ILE B 255 -28.64 -1.07 -8.66
C ILE B 255 -29.16 -0.70 -7.28
N TYR B 256 -30.24 0.08 -7.24
CA TYR B 256 -30.75 0.53 -5.94
C TYR B 256 -32.25 0.70 -6.02
N TRP B 257 -32.87 0.82 -4.85
CA TRP B 257 -34.29 1.00 -4.71
C TRP B 257 -34.61 2.44 -4.28
N MET B 258 -35.85 2.85 -4.55
CA MET B 258 -36.32 4.19 -4.26
C MET B 258 -37.83 4.12 -4.04
N LYS B 259 -38.33 4.73 -2.97
CA LYS B 259 -39.77 4.84 -2.76
C LYS B 259 -40.22 6.23 -3.17
N GLY B 260 -40.87 6.33 -4.33
CA GLY B 260 -41.25 7.62 -4.87
C GLY B 260 -40.04 8.52 -5.04
N GLU B 261 -39.54 9.05 -3.93
CA GLU B 261 -38.37 9.92 -3.99
C GLU B 261 -37.38 9.61 -2.87
N LYS B 262 -37.85 9.09 -1.75
CA LYS B 262 -36.94 8.72 -0.67
C LYS B 262 -36.03 7.57 -1.10
N PHE B 263 -34.87 7.49 -0.45
CA PHE B 263 -33.84 6.52 -0.78
C PHE B 263 -33.89 5.28 0.10
N ILE B 264 -34.98 5.05 0.82
CA ILE B 264 -35.12 3.92 1.74
C ILE B 264 -33.96 4.00 2.73
N GLU B 265 -33.79 5.19 3.30
CA GLU B 265 -32.84 5.43 4.38
C GLU B 265 -33.38 6.38 5.43
N ASP B 266 -34.55 6.99 5.22
CA ASP B 266 -35.05 8.08 6.03
C ASP B 266 -35.97 7.58 7.16
N LEU B 267 -37.02 6.83 6.80
CA LEU B 267 -37.94 6.27 7.78
C LEU B 267 -37.82 4.75 7.88
N ASP B 268 -36.65 4.21 7.52
CA ASP B 268 -36.49 2.76 7.47
C ASP B 268 -36.59 2.14 8.87
N GLU B 269 -35.83 2.69 9.82
CA GLU B 269 -35.73 2.14 11.18
C GLU B 269 -35.27 0.70 11.04
N ASN B 270 -36.01 -0.28 11.57
CA ASN B 270 -35.77 -1.69 11.30
C ASN B 270 -36.80 -2.26 10.34
N ARG B 271 -37.60 -1.40 9.71
CA ARG B 271 -38.79 -1.85 8.99
C ARG B 271 -38.54 -2.08 7.51
N VAL B 272 -37.88 -1.16 6.82
CA VAL B 272 -37.57 -1.32 5.41
C VAL B 272 -36.06 -1.25 5.24
N TRP B 273 -35.54 -2.00 4.26
CA TRP B 273 -34.09 -2.11 4.03
C TRP B 273 -33.87 -2.84 2.71
N GLU B 274 -32.63 -2.74 2.19
CA GLU B 274 -32.28 -3.26 0.87
C GLU B 274 -31.63 -4.66 1.00
N SER B 275 -31.49 -5.36 -0.13
CA SER B 275 -31.18 -6.79 -0.09
C SER B 275 -29.73 -7.13 -0.14
N ASP B 276 -28.90 -6.12 -0.26
CA ASP B 276 -27.50 -6.37 -0.17
C ASP B 276 -26.91 -6.99 -1.46
N ILE B 277 -27.49 -6.73 -2.64
CA ILE B 277 -26.84 -6.95 -3.94
C ILE B 277 -26.28 -8.36 -4.11
N ARG B 278 -27.14 -9.37 -4.03
CA ARG B 278 -26.70 -10.71 -4.38
C ARG B 278 -26.40 -10.80 -5.88
N ILE B 279 -25.37 -11.58 -6.26
CA ILE B 279 -24.89 -11.69 -7.63
C ILE B 279 -25.35 -13.04 -8.16
N LEU B 280 -26.35 -13.04 -9.04
CA LEU B 280 -26.93 -14.31 -9.47
C LEU B 280 -26.01 -15.07 -10.42
N LYS B 281 -25.54 -14.42 -11.47
CA LYS B 281 -24.80 -15.12 -12.51
C LYS B 281 -23.74 -14.21 -13.08
N GLU B 282 -22.70 -14.81 -13.65
CA GLU B 282 -21.79 -13.95 -14.40
C GLU B 282 -20.90 -14.78 -15.31
N HIS B 283 -20.45 -14.13 -16.38
CA HIS B 283 -19.54 -14.76 -17.32
C HIS B 283 -18.96 -13.68 -18.21
N LEU B 284 -17.67 -13.79 -18.50
CA LEU B 284 -16.97 -12.79 -19.31
C LEU B 284 -17.14 -11.39 -18.74
N GLY B 285 -17.30 -11.30 -17.43
CA GLY B 285 -17.43 -10.02 -16.78
C GLY B 285 -18.80 -9.39 -16.81
N GLU B 286 -19.79 -10.07 -17.40
CA GLU B 286 -21.17 -9.59 -17.39
C GLU B 286 -21.92 -10.29 -16.26
N GLN B 287 -22.63 -9.50 -15.47
CA GLN B 287 -23.26 -9.98 -14.23
C GLN B 287 -24.77 -9.82 -14.29
N GLU B 288 -25.46 -10.84 -13.81
CA GLU B 288 -26.90 -10.79 -13.57
C GLU B 288 -27.08 -10.74 -12.07
N VAL B 289 -27.55 -9.60 -11.57
CA VAL B 289 -27.62 -9.36 -10.14
C VAL B 289 -29.05 -9.01 -9.75
N SER B 290 -29.31 -9.09 -8.44
CA SER B 290 -30.62 -8.77 -7.90
C SER B 290 -30.48 -8.13 -6.52
N ILE B 291 -31.35 -7.16 -6.27
CA ILE B 291 -31.49 -6.52 -4.97
C ILE B 291 -32.99 -6.34 -4.71
N SER B 292 -33.41 -6.80 -3.51
CA SER B 292 -34.80 -6.84 -3.09
C SER B 292 -34.94 -5.75 -2.03
N LEU B 293 -36.13 -5.16 -1.93
CA LEU B 293 -36.49 -4.31 -0.81
C LEU B 293 -37.46 -5.08 0.10
N ILE B 294 -37.22 -5.05 1.41
CA ILE B 294 -38.04 -5.82 2.34
C ILE B 294 -38.71 -4.89 3.32
N VAL B 295 -40.05 -4.99 3.44
CA VAL B 295 -40.76 -4.41 4.57
C VAL B 295 -41.09 -5.55 5.52
N ASP B 296 -40.51 -5.49 6.72
CA ASP B 296 -40.61 -6.61 7.64
C ASP B 296 -41.98 -6.64 8.33
N SER B 297 -42.41 -5.50 8.84
CA SER B 297 -43.75 -5.32 9.40
C SER B 297 -44.46 -4.24 8.59
N VAL B 298 -45.61 -4.58 8.02
CA VAL B 298 -46.29 -3.70 7.09
C VAL B 298 -47.11 -2.66 7.86
N GLU B 299 -47.12 -1.43 7.34
CA GLU B 299 -47.94 -0.36 7.84
C GLU B 299 -48.73 0.25 6.68
N GLU B 300 -49.66 1.14 7.02
CA GLU B 300 -50.44 1.79 5.98
C GLU B 300 -49.59 2.74 5.13
N GLY B 301 -48.59 3.38 5.75
CA GLY B 301 -47.75 4.31 5.03
C GLY B 301 -46.77 3.67 4.08
N ASP B 302 -46.47 2.37 4.26
CA ASP B 302 -45.57 1.69 3.34
C ASP B 302 -46.18 1.58 1.94
N LEU B 303 -47.50 1.42 1.85
CA LEU B 303 -48.15 1.25 0.57
C LEU B 303 -47.86 2.45 -0.33
N GLY B 304 -47.55 2.15 -1.59
CA GLY B 304 -47.15 3.18 -2.53
C GLY B 304 -46.22 2.60 -3.58
N ASN B 305 -45.87 3.44 -4.53
CA ASN B 305 -45.03 3.01 -5.65
C ASN B 305 -43.57 2.89 -5.19
N TYR B 306 -42.99 1.72 -5.41
CA TYR B 306 -41.56 1.49 -5.17
C TYR B 306 -40.89 1.25 -6.52
N SER B 307 -39.87 2.04 -6.81
CA SER B 307 -39.19 2.02 -8.11
C SER B 307 -37.75 1.55 -7.94
N CYS B 308 -37.38 0.50 -8.67
CA CYS B 308 -36.00 0.08 -8.80
C CYS B 308 -35.31 0.89 -9.90
N TYR B 309 -34.09 1.32 -9.60
CA TYR B 309 -33.24 2.09 -10.50
C TYR B 309 -31.97 1.30 -10.79
N VAL B 310 -31.56 1.33 -12.05
CA VAL B 310 -30.39 0.60 -12.52
C VAL B 310 -29.59 1.56 -13.42
N GLU B 311 -28.28 1.64 -13.18
CA GLU B 311 -27.51 2.69 -13.86
C GLU B 311 -26.07 2.27 -14.14
N ASN B 312 -25.59 2.64 -15.32
CA ASN B 312 -24.17 2.63 -15.63
C ASN B 312 -23.86 3.92 -16.39
N GLY B 313 -22.66 4.00 -16.98
CA GLY B 313 -22.27 5.24 -17.61
C GLY B 313 -23.05 5.54 -18.87
N ASN B 314 -23.65 4.52 -19.48
CA ASN B 314 -24.37 4.71 -20.73
C ASN B 314 -25.80 5.18 -20.54
N GLY B 315 -26.37 4.98 -19.36
CA GLY B 315 -27.74 5.40 -19.12
C GLY B 315 -28.28 4.75 -17.86
N ARG B 316 -29.58 4.96 -17.64
CA ARG B 316 -30.25 4.38 -16.48
C ARG B 316 -31.65 3.96 -16.88
N ARG B 317 -32.26 3.13 -16.02
CA ARG B 317 -33.62 2.66 -16.20
C ARG B 317 -34.29 2.53 -14.84
N HIS B 318 -35.56 2.92 -14.77
CA HIS B 318 -36.36 2.75 -13.57
C HIS B 318 -37.61 1.97 -13.92
N ALA B 319 -38.05 1.10 -13.02
CA ALA B 319 -39.34 0.45 -13.13
C ALA B 319 -39.95 0.34 -11.74
N SER B 320 -41.27 0.34 -11.64
CA SER B 320 -41.91 0.42 -10.33
C SER B 320 -42.96 -0.66 -10.15
N VAL B 321 -43.10 -1.09 -8.90
CA VAL B 321 -44.15 -1.99 -8.45
C VAL B 321 -45.00 -1.24 -7.44
N LEU B 322 -46.18 -1.79 -7.16
CA LEU B 322 -47.14 -1.20 -6.23
C LEU B 322 -47.48 -2.20 -5.14
N LEU B 323 -47.54 -1.72 -3.90
CA LEU B 323 -47.88 -2.55 -2.75
C LEU B 323 -49.39 -2.57 -2.48
C1 NAG C . 50.18 -10.63 10.35
C2 NAG C . 51.48 -11.21 10.92
C3 NAG C . 52.09 -12.26 9.97
C4 NAG C . 51.05 -13.26 9.52
C5 NAG C . 49.82 -12.55 8.96
C6 NAG C . 48.71 -13.47 8.55
C7 NAG C . 52.70 -9.69 12.43
C8 NAG C . 51.95 -10.37 13.55
N2 NAG C . 52.44 -10.15 11.20
O3 NAG C . 53.11 -12.91 10.71
O4 NAG C . 51.55 -14.11 8.49
O5 NAG C . 49.29 -11.68 9.97
O6 NAG C . 48.08 -14.08 9.68
O7 NAG C . 53.50 -8.79 12.63
C1 FUC C . 54.11 -13.66 9.98
C2 FUC C . 54.54 -12.93 8.66
C3 FUC C . 55.49 -13.82 7.83
C4 FUC C . 56.34 -14.77 8.73
C5 FUC C . 56.53 -14.17 10.14
C6 FUC C . 57.32 -15.06 11.08
O2 FUC C . 55.09 -11.63 8.88
O3 FUC C . 54.76 -14.63 6.90
O4 FUC C . 55.74 -16.06 8.81
O5 FUC C . 55.25 -13.90 10.82
C1 NAG D . -36.54 -12.70 -0.53
C2 NAG D . -35.20 -13.23 -0.03
C3 NAG D . -34.20 -13.37 -1.17
C4 NAG D . -34.81 -14.16 -2.31
C5 NAG D . -36.13 -13.54 -2.73
C6 NAG D . -36.78 -14.33 -3.86
C7 NAG D . -35.08 -12.44 2.25
C8 NAG D . -33.99 -12.43 3.29
N2 NAG D . -34.67 -12.36 0.99
O3 NAG D . -33.02 -14.03 -0.70
O4 NAG D . -33.91 -14.19 -3.41
O5 NAG D . -37.03 -13.48 -1.63
O6 NAG D . -37.16 -15.63 -3.38
O7 NAG D . -36.26 -12.51 2.56
C1 NAG D . -33.44 -15.54 -3.61
C2 NAG D . -32.38 -15.56 -4.70
C3 NAG D . -31.95 -17.00 -4.95
C4 NAG D . -31.49 -17.64 -3.65
C5 NAG D . -32.53 -17.46 -2.56
C6 NAG D . -31.99 -17.97 -1.23
C7 NAG D . -32.55 -13.73 -6.29
C8 NAG D . -32.90 -13.36 -7.69
N2 NAG D . -32.89 -14.96 -5.92
O3 NAG D . -30.88 -17.02 -5.89
O4 NAG D . -31.26 -19.03 -3.87
O5 NAG D . -32.86 -16.08 -2.42
O6 NAG D . -30.99 -17.06 -0.74
O7 NAG D . -31.97 -12.97 -5.53
C1 NAG E . 24.70 12.09 8.06
C2 NAG E . 25.41 13.43 8.18
C3 NAG E . 24.38 14.55 8.28
C4 NAG E . 23.40 14.49 7.11
C5 NAG E . 22.82 13.09 6.95
C6 NAG E . 22.03 12.92 5.67
C7 NAG E . 27.62 13.26 9.24
C8 NAG E . 28.38 13.31 10.53
N2 NAG E . 26.30 13.44 9.34
O3 NAG E . 25.06 15.81 8.28
O4 NAG E . 22.33 15.40 7.35
O5 NAG E . 23.87 12.11 6.90
O6 NAG E . 22.85 13.03 4.52
O7 NAG E . 28.17 13.06 8.16
C1 NAG E . 22.38 16.54 6.48
C2 NAG E . 21.04 17.24 6.60
C3 NAG E . 20.94 18.37 5.58
C4 NAG E . 22.31 18.90 5.18
C5 NAG E . 23.41 18.72 6.25
C6 NAG E . 23.33 19.75 7.36
C7 NAG E . 19.36 15.66 7.46
C8 NAG E . 18.24 14.73 7.11
N2 NAG E . 19.94 16.30 6.44
O3 NAG E . 20.14 19.42 6.11
O4 NAG E . 22.73 18.31 3.95
O5 NAG E . 23.39 17.43 6.88
O6 NAG E . 23.03 19.14 8.61
O7 NAG E . 19.73 15.83 8.62
C1 NAG F . 9.63 -26.04 -13.62
C2 NAG F . 10.92 -26.57 -13.06
C3 NAG F . 11.84 -26.93 -14.21
C4 NAG F . 11.16 -27.79 -15.27
C5 NAG F . 9.68 -27.44 -15.52
C6 NAG F . 8.87 -28.62 -16.04
C7 NAG F . 12.27 -25.93 -11.11
C8 NAG F . 12.83 -24.79 -10.32
N2 NAG F . 11.54 -25.59 -12.18
O3 NAG F . 12.98 -27.62 -13.69
O4 NAG F . 11.93 -27.58 -16.46
O5 NAG F . 9.00 -27.03 -14.32
O6 NAG F . 8.45 -28.44 -17.39
O7 NAG F . 12.46 -27.10 -10.80
C1 NAG F . 11.70 -28.46 -17.60
C2 NAG F . 12.42 -27.86 -18.81
C3 NAG F . 13.93 -28.00 -18.67
C4 NAG F . 14.33 -29.45 -18.47
C5 NAG F . 13.55 -30.14 -17.35
C6 NAG F . 14.03 -29.81 -15.96
C7 NAG F . 10.86 -28.07 -20.69
C8 NAG F . 10.52 -28.80 -21.96
N2 NAG F . 11.96 -28.47 -20.05
O3 NAG F . 14.37 -27.18 -17.59
O4 NAG F . 14.16 -30.19 -19.67
O5 NAG F . 12.13 -29.86 -17.40
O6 NAG F . 14.95 -30.79 -15.50
O7 NAG F . 10.16 -27.15 -20.26
C1 BMA F . 15.46 -30.69 -20.07
C2 BMA F . 15.69 -32.08 -19.40
C3 BMA F . 16.85 -32.89 -20.05
C4 BMA F . 17.03 -32.64 -21.57
C5 BMA F . 16.81 -31.17 -21.94
C6 BMA F . 16.85 -30.91 -23.44
O2 BMA F . 14.52 -32.89 -19.49
O3 BMA F . 16.66 -34.29 -19.81
O4 BMA F . 18.35 -33.03 -21.95
O5 BMA F . 15.52 -30.79 -21.48
O6 BMA F . 16.62 -29.52 -23.68
C1 MAN F . 17.65 -34.77 -18.86
C2 MAN F . 18.57 -35.76 -19.61
C3 MAN F . 17.87 -37.09 -19.84
C4 MAN F . 17.30 -37.64 -18.53
C5 MAN F . 16.32 -36.63 -17.94
C6 MAN F . 15.73 -37.07 -16.62
O2 MAN F . 19.74 -36.07 -18.83
O3 MAN F . 18.72 -38.05 -20.46
O4 MAN F . 16.64 -38.88 -18.75
O5 MAN F . 17.02 -35.37 -17.72
O6 MAN F . 15.54 -38.48 -16.66
C1 NAG G . -3.97 -21.38 -15.17
C2 NAG G . -5.09 -22.33 -15.53
C3 NAG G . -6.05 -22.50 -14.35
C4 NAG G . -5.30 -22.90 -13.09
C5 NAG G . -4.13 -21.94 -12.83
C6 NAG G . -3.24 -22.39 -11.69
C7 NAG G . -6.08 -22.65 -17.75
C8 NAG G . -6.84 -22.00 -18.87
N2 NAG G . -5.82 -21.87 -16.70
O3 NAG G . -7.00 -23.49 -14.68
O4 NAG G . -6.15 -22.81 -11.95
O5 NAG G . -3.30 -21.84 -13.99
O6 NAG G . -2.10 -21.57 -11.57
O7 NAG G . -5.73 -23.83 -17.79
C1 NAG G . -6.63 -24.11 -11.54
C2 NAG G . -6.99 -24.01 -10.07
C3 NAG G . -7.44 -25.36 -9.54
C4 NAG G . -7.82 -26.34 -10.66
C5 NAG G . -8.44 -25.67 -11.88
C6 NAG G . -9.89 -25.29 -11.68
C7 NAG G . -5.77 -22.19 -8.95
C8 NAG G . -4.57 -21.83 -8.14
N2 NAG G . -5.89 -23.49 -9.29
O3 NAG G . -8.55 -25.19 -8.66
O4 NAG G . -6.69 -27.12 -11.04
O5 NAG G . -7.76 -24.47 -12.28
O6 NAG G . -10.11 -23.91 -11.94
O7 NAG G . -6.60 -21.36 -9.29
C1 NAG H . 46.51 11.63 16.71
C2 NAG H . 47.50 12.69 16.20
C3 NAG H . 47.89 13.64 17.32
C4 NAG H . 46.65 14.25 17.96
C5 NAG H . 45.71 13.14 18.43
C6 NAG H . 44.39 13.67 18.99
C7 NAG H . 48.86 11.96 14.30
C8 NAG H . 50.14 11.30 13.87
N2 NAG H . 48.68 12.07 15.61
O3 NAG H . 48.73 14.67 16.82
O4 NAG H . 47.01 15.08 19.05
O5 NAG H . 45.38 12.28 17.34
O6 NAG H . 43.44 13.88 17.96
O7 NAG H . 48.04 12.38 13.48
C1 NAG I . 23.87 11.05 -10.15
C2 NAG I . 24.00 12.59 -10.18
C3 NAG I . 24.49 13.07 -11.55
C4 NAG I . 25.76 12.34 -11.97
C5 NAG I . 25.46 10.86 -12.01
C6 NAG I . 26.66 10.02 -12.39
C7 NAG I . 22.63 14.33 -9.09
C8 NAG I . 23.91 14.90 -8.55
N2 NAG I . 22.74 13.23 -9.85
O3 NAG I . 24.75 14.48 -11.52
O4 NAG I . 26.19 12.78 -13.26
O5 NAG I . 25.06 10.43 -10.70
O6 NAG I . 26.37 8.64 -12.37
O7 NAG I . 21.54 14.84 -8.85
ZN ZN J . -37.47 8.66 -15.71
ZN ZN K . -13.68 -23.49 -26.69
ZN ZN L . -17.86 -18.32 -22.44
#